data_2YB9
#
_entry.id   2YB9
#
_cell.length_a   107.841
_cell.length_b   107.841
_cell.length_c   112.794
_cell.angle_alpha   90.00
_cell.angle_beta   90.00
_cell.angle_gamma   120.00
#
_symmetry.space_group_name_H-M   'P 32 2 1'
#
loop_
_entity.id
_entity.type
_entity.pdbx_description
1 polymer NEPRILYSIN
2 non-polymer 'ZINC ION'
3 non-polymer 'HETEROARYLALANINE 5-PHENYL OXAZOLE'
4 water water
#
_entity_poly.entity_id   1
_entity_poly.type   'polypeptide(L)'
_entity_poly.pdbx_seq_one_letter_code
;GICKSSDCIKSAARLIQNMDATTEPCTDFFKYACGGWLKRNVIPETSSRYGNFDILRDELEVVLKDVLQEPKTEDIVAVQ
KAKALYRSCINESAIDSRGGEPLLKLLPDIYGWPVATENWEQKYGASWTAEKAIAQLNSKYGKKVLINLFVGTDDKNSVN
HVIHIDQPRLGLPSRDYYECTGIYKEACTAYVDFMISVARLIRQEERLPIDENQLALEMNKVMELEKEIANATAKPEDRN
DPMLLYNKMTLAQIQNNFSLEINGKPFSWLNFTNEIMSTVNISITNEEDVVVYAPEYLTKLKPILTKYSARDLQNLMSWR
FIMDLVSSLSRTYKESRNAFRKALYGTTSETATWRRCANYVNGNMENAVGRLYVEAAFAGESKHVVEDLIAQIREVFIQT
LDDLTWMDAETKKRAEEKALAIKERIGYPDDIVSNDNKLNNEYLELNYKEDEYFENIIQNLKFSQSKQLKKLREKVDKDE
WISGAAVVNAFYSSGRNQIVFPAGILQPPFFSAQQSNSLNYGGIGMVIGHEITHGFDDNGRNFNKDGDLVDWWTQQSASN
FKEQSQCMVYQYGNFSWDLAGGQHLNGINTLGENIADNGGLGQAYRAYQNYIKKNGEEKLLPGLDLNHKQLFFLNFAQVW
CGTYRPEYAVNSIKTDVHSPGNFRIIGTLQNSAEFSEAFHCRKNSYMNPEKKCRVW
;
_entity_poly.pdbx_strand_id   A
#
loop_
_chem_comp.id
_chem_comp.type
_chem_comp.name
_chem_comp.formula
HA0 non-polymer 'HETEROARYLALANINE 5-PHENYL OXAZOLE' 'C24 H30 N2 O6'
ZN non-polymer 'ZINC ION' 'Zn 2'
#
# COMPACT_ATOMS: atom_id res chain seq x y z
N GLY A 1 17.95 30.78 27.96
CA GLY A 1 17.28 29.48 27.99
C GLY A 1 16.87 28.94 26.64
N ILE A 2 17.57 29.38 25.57
CA ILE A 2 17.32 29.00 24.18
C ILE A 2 18.46 28.13 23.64
N CYS A 3 18.12 27.06 22.87
CA CYS A 3 19.11 26.19 22.24
C CYS A 3 19.66 26.84 20.97
N LYS A 4 20.99 26.75 20.76
CA LYS A 4 21.67 27.33 19.60
C LYS A 4 22.52 26.28 18.87
N SER A 5 22.15 25.00 18.97
CA SER A 5 22.86 23.93 18.27
C SER A 5 22.48 23.97 16.79
N SER A 6 23.35 23.46 15.92
CA SER A 6 23.14 23.42 14.47
C SER A 6 21.85 22.67 14.12
N ASP A 7 21.58 21.59 14.87
CA ASP A 7 20.43 20.69 14.67
C ASP A 7 19.10 21.28 15.12
N CYS A 8 19.14 22.22 16.07
CA CYS A 8 17.97 22.94 16.60
C CYS A 8 17.61 24.12 15.71
N ILE A 9 18.62 24.74 15.08
CA ILE A 9 18.36 25.87 14.21
C ILE A 9 17.79 25.40 12.85
N LYS A 10 18.19 24.17 12.43
CA LYS A 10 17.76 23.52 11.18
C LYS A 10 16.29 23.17 11.27
N SER A 11 15.89 22.63 12.43
CA SER A 11 14.51 22.25 12.69
C SER A 11 13.64 23.51 12.88
N ALA A 12 14.11 24.51 13.64
CA ALA A 12 13.37 25.78 13.80
C ALA A 12 13.15 26.49 12.48
N ALA A 13 14.12 26.45 11.54
CA ALA A 13 13.93 27.07 10.22
C ALA A 13 12.91 26.33 9.40
N ARG A 14 12.90 24.98 9.47
CA ARG A 14 11.96 24.16 8.71
C ARG A 14 10.54 24.40 9.23
N LEU A 15 10.38 24.43 10.56
CA LEU A 15 9.10 24.69 11.22
C LEU A 15 8.56 26.05 10.83
N ILE A 16 9.45 27.10 10.89
CA ILE A 16 9.19 28.50 10.56
C ILE A 16 8.76 28.66 9.10
N GLN A 17 9.54 28.09 8.16
CA GLN A 17 9.26 28.16 6.71
C GLN A 17 7.95 27.47 6.29
N ASN A 18 7.56 26.41 7.00
CA ASN A 18 6.36 25.65 6.66
C ASN A 18 5.08 26.23 7.22
N MET A 19 5.14 26.85 8.40
CA MET A 19 3.96 27.39 9.05
C MET A 19 3.46 28.70 8.45
N ASP A 20 2.25 29.14 8.90
CA ASP A 20 1.64 30.41 8.54
C ASP A 20 1.05 31.01 9.83
N ALA A 21 1.85 31.90 10.47
CA ALA A 21 1.53 32.57 11.73
C ALA A 21 0.34 33.52 11.63
N THR A 22 0.01 34.00 10.40
CA THR A 22 -1.13 34.91 10.15
C THR A 22 -2.48 34.21 10.31
N THR A 23 -2.47 32.86 10.39
CA THR A 23 -3.66 32.01 10.55
C THR A 23 -3.80 31.65 12.04
N GLU A 24 -5.03 31.73 12.54
CA GLU A 24 -5.34 31.39 13.92
C GLU A 24 -5.26 29.86 14.10
N PRO A 25 -4.38 29.35 15.00
CA PRO A 25 -4.26 27.89 15.17
C PRO A 25 -5.55 27.15 15.56
N CYS A 26 -6.48 27.88 16.20
CA CYS A 26 -7.75 27.36 16.66
C CYS A 26 -8.89 27.47 15.61
N THR A 27 -8.61 28.14 14.49
CA THR A 27 -9.55 28.24 13.36
C THR A 27 -9.22 27.12 12.36
N ASP A 28 -7.92 26.96 11.99
CA ASP A 28 -7.47 25.95 11.02
C ASP A 28 -6.02 25.58 11.30
N PHE A 29 -5.78 24.43 11.95
CA PHE A 29 -4.41 24.06 12.26
C PHE A 29 -3.59 23.57 11.06
N PHE A 30 -4.25 23.03 10.02
CA PHE A 30 -3.55 22.64 8.79
C PHE A 30 -2.92 23.88 8.13
N LYS A 31 -3.72 24.97 7.97
CA LYS A 31 -3.32 26.25 7.36
C LYS A 31 -2.22 26.92 8.15
N TYR A 32 -2.34 26.95 9.49
CA TYR A 32 -1.33 27.48 10.40
C TYR A 32 -0.05 26.63 10.33
N ALA A 33 -0.15 25.30 10.46
CA ALA A 33 1.04 24.45 10.43
C ALA A 33 1.72 24.32 9.07
N CYS A 34 0.94 24.41 7.97
CA CYS A 34 1.36 24.14 6.59
C CYS A 34 1.25 25.26 5.54
N GLY A 35 0.61 26.38 5.89
CA GLY A 35 0.34 27.52 5.01
C GLY A 35 1.52 28.06 4.24
N GLY A 36 2.66 28.18 4.91
CA GLY A 36 3.91 28.64 4.30
C GLY A 36 4.38 27.67 3.25
N TRP A 37 4.23 26.35 3.52
CA TRP A 37 4.64 25.31 2.60
C TRP A 37 3.74 25.28 1.34
N LEU A 38 2.41 25.38 1.52
CA LEU A 38 1.43 25.37 0.44
C LEU A 38 1.59 26.53 -0.51
N LYS A 39 1.96 27.70 0.01
CA LYS A 39 2.13 28.91 -0.77
C LYS A 39 3.36 28.81 -1.68
N ARG A 40 4.48 28.28 -1.17
CA ARG A 40 5.77 28.18 -1.87
C ARG A 40 5.86 27.07 -2.90
N ASN A 41 5.02 26.03 -2.74
CA ASN A 41 5.05 24.83 -3.52
C ASN A 41 3.87 24.60 -4.46
N VAL A 42 4.16 23.96 -5.58
CA VAL A 42 3.23 23.52 -6.62
C VAL A 42 3.56 22.01 -6.77
N ILE A 43 2.54 21.16 -6.97
CA ILE A 43 2.75 19.73 -7.17
C ILE A 43 3.53 19.54 -8.48
N PRO A 44 4.63 18.76 -8.48
CA PRO A 44 5.36 18.51 -9.76
C PRO A 44 4.47 17.81 -10.81
N GLU A 45 4.82 17.98 -12.10
CA GLU A 45 4.05 17.40 -13.22
C GLU A 45 3.98 15.89 -13.20
N THR A 46 4.95 15.27 -12.52
CA THR A 46 5.16 13.83 -12.42
C THR A 46 4.54 13.28 -11.11
N SER A 47 4.03 14.17 -10.24
CA SER A 47 3.45 13.82 -8.95
C SER A 47 1.94 13.97 -8.87
N SER A 48 1.27 13.01 -8.21
CA SER A 48 -0.18 12.95 -7.95
C SER A 48 -0.53 13.74 -6.70
N ARG A 49 0.42 13.81 -5.80
CA ARG A 49 0.35 14.52 -4.54
C ARG A 49 1.78 14.93 -4.18
N TYR A 50 1.94 15.93 -3.31
CA TYR A 50 3.26 16.40 -2.92
C TYR A 50 3.20 16.91 -1.48
N GLY A 51 4.30 16.78 -0.76
CA GLY A 51 4.33 17.16 0.65
C GLY A 51 5.46 16.50 1.36
N ASN A 52 5.50 16.62 2.70
CA ASN A 52 6.57 16.01 3.51
C ASN A 52 6.96 14.57 3.08
N PHE A 53 6.03 13.59 3.15
CA PHE A 53 6.29 12.21 2.76
C PHE A 53 6.88 12.04 1.36
N ASP A 54 6.31 12.74 0.36
CA ASP A 54 6.77 12.64 -1.04
C ASP A 54 8.10 13.28 -1.31
N ILE A 55 8.41 14.36 -0.58
CA ILE A 55 9.69 15.06 -0.64
C ILE A 55 10.77 14.10 -0.10
N LEU A 56 10.53 13.50 1.10
CA LEU A 56 11.47 12.53 1.68
C LEU A 56 11.66 11.32 0.78
N ARG A 57 10.61 10.88 0.10
CA ARG A 57 10.69 9.75 -0.83
C ARG A 57 11.55 10.10 -2.03
N ASP A 58 11.38 11.33 -2.57
CA ASP A 58 12.17 11.86 -3.69
C ASP A 58 13.62 11.95 -3.34
N GLU A 59 13.91 12.42 -2.13
CA GLU A 59 15.28 12.50 -1.58
C GLU A 59 15.93 11.13 -1.36
N LEU A 60 15.14 10.09 -0.99
CA LEU A 60 15.59 8.71 -0.78
C LEU A 60 15.96 8.09 -2.12
N GLU A 61 15.24 8.47 -3.20
CA GLU A 61 15.53 8.03 -4.57
C GLU A 61 16.94 8.54 -5.01
N VAL A 62 17.34 9.77 -4.54
CA VAL A 62 18.64 10.37 -4.85
C VAL A 62 19.76 9.42 -4.33
N VAL A 63 19.65 9.03 -3.04
CA VAL A 63 20.56 8.11 -2.36
C VAL A 63 20.64 6.75 -3.10
N LEU A 64 19.47 6.20 -3.54
CA LEU A 64 19.40 4.94 -4.29
C LEU A 64 20.17 5.03 -5.59
N LYS A 65 19.97 6.12 -6.36
CA LYS A 65 20.70 6.42 -7.59
C LYS A 65 22.22 6.41 -7.32
N ASP A 66 22.68 7.06 -6.21
CA ASP A 66 24.12 7.13 -5.87
C ASP A 66 24.73 5.76 -5.71
N VAL A 67 24.06 4.90 -4.93
CA VAL A 67 24.49 3.56 -4.56
C VAL A 67 24.29 2.53 -5.67
N LEU A 68 23.40 2.77 -6.63
CA LEU A 68 23.12 1.82 -7.69
C LEU A 68 23.86 2.03 -9.00
N GLN A 69 24.24 3.29 -9.28
CA GLN A 69 24.87 3.70 -10.54
C GLN A 69 26.33 3.38 -10.75
N GLU A 70 27.08 3.24 -9.64
CA GLU A 70 28.52 2.99 -9.67
C GLU A 70 28.93 1.59 -9.26
N PRO A 71 29.46 0.80 -10.22
CA PRO A 71 30.00 -0.53 -9.88
C PRO A 71 31.20 -0.37 -8.93
N LYS A 72 31.36 -1.34 -8.02
CA LYS A 72 32.45 -1.34 -7.06
C LYS A 72 33.14 -2.68 -7.11
N THR A 73 34.46 -2.69 -6.84
CA THR A 73 35.30 -3.89 -6.92
C THR A 73 34.90 -4.99 -5.96
N GLU A 74 34.74 -4.70 -4.67
CA GLU A 74 34.36 -5.67 -3.64
C GLU A 74 32.85 -5.94 -3.52
N ASP A 75 32.06 -5.60 -4.56
CA ASP A 75 30.61 -5.82 -4.57
C ASP A 75 30.26 -7.29 -4.60
N ILE A 76 29.47 -7.74 -3.60
CA ILE A 76 29.01 -9.13 -3.57
C ILE A 76 28.03 -9.37 -4.73
N VAL A 77 27.87 -10.64 -5.16
CA VAL A 77 27.00 -11.02 -6.28
C VAL A 77 25.62 -10.40 -6.16
N ALA A 78 25.03 -10.39 -4.93
CA ALA A 78 23.71 -9.80 -4.72
C ALA A 78 23.66 -8.30 -5.12
N VAL A 79 24.73 -7.55 -4.85
CA VAL A 79 24.86 -6.11 -5.13
C VAL A 79 25.05 -5.87 -6.65
N GLN A 80 25.88 -6.73 -7.30
CA GLN A 80 26.16 -6.73 -8.74
C GLN A 80 24.86 -6.90 -9.53
N LYS A 81 23.99 -7.78 -9.04
CA LYS A 81 22.68 -8.06 -9.67
C LYS A 81 21.74 -6.84 -9.58
N ALA A 82 21.69 -6.18 -8.43
CA ALA A 82 20.90 -4.98 -8.21
C ALA A 82 21.32 -3.87 -9.18
N LYS A 83 22.64 -3.65 -9.30
CA LYS A 83 23.27 -2.66 -10.16
C LYS A 83 23.09 -3.00 -11.62
N ALA A 84 23.17 -4.29 -11.98
CA ALA A 84 22.96 -4.72 -13.37
C ALA A 84 21.47 -4.60 -13.76
N LEU A 85 20.53 -4.78 -12.77
CA LEU A 85 19.07 -4.63 -12.98
C LEU A 85 18.79 -3.14 -13.23
N TYR A 86 19.41 -2.27 -12.42
CA TYR A 86 19.32 -0.84 -12.55
C TYR A 86 19.81 -0.43 -13.95
N ARG A 87 21.06 -0.82 -14.33
CA ARG A 87 21.62 -0.48 -15.65
C ARG A 87 20.76 -0.93 -16.84
N SER A 88 20.10 -2.11 -16.74
CA SER A 88 19.23 -2.61 -17.81
C SER A 88 17.98 -1.76 -17.92
N CYS A 89 17.50 -1.28 -16.79
CA CYS A 89 16.30 -0.45 -16.68
C CYS A 89 16.54 0.96 -17.25
N ILE A 90 17.72 1.54 -17.02
CA ILE A 90 18.04 2.90 -17.46
C ILE A 90 18.43 3.05 -18.91
N ASN A 91 18.75 1.93 -19.61
CA ASN A 91 19.10 1.99 -21.03
C ASN A 91 17.83 1.99 -21.87
N GLU A 92 17.33 3.18 -22.17
CA GLU A 92 16.16 3.40 -23.03
C GLU A 92 16.52 3.20 -24.48
N SER A 93 17.79 3.42 -24.89
CA SER A 93 18.19 3.16 -26.27
C SER A 93 17.93 1.67 -26.58
N ALA A 94 18.45 0.77 -25.71
CA ALA A 94 18.29 -0.69 -25.86
C ALA A 94 16.80 -1.08 -25.82
N ILE A 95 16.04 -0.49 -24.89
CA ILE A 95 14.61 -0.77 -24.77
C ILE A 95 13.87 -0.33 -26.04
N ASP A 96 14.07 0.92 -26.48
CA ASP A 96 13.40 1.47 -27.66
C ASP A 96 13.59 0.66 -28.93
N SER A 97 14.82 0.12 -29.13
CA SER A 97 15.26 -0.71 -30.26
C SER A 97 14.37 -1.92 -30.51
N ARG A 98 13.86 -2.51 -29.42
CA ARG A 98 13.07 -3.73 -29.38
C ARG A 98 11.59 -3.55 -29.68
N GLY A 99 11.10 -2.31 -29.65
CA GLY A 99 9.69 -1.97 -29.86
C GLY A 99 8.80 -2.73 -28.90
N GLY A 100 7.76 -3.36 -29.42
CA GLY A 100 6.87 -4.22 -28.66
C GLY A 100 7.21 -5.69 -28.83
N GLU A 101 8.38 -5.99 -29.47
CA GLU A 101 8.88 -7.34 -29.74
C GLU A 101 8.88 -8.25 -28.52
N PRO A 102 9.41 -7.85 -27.34
CA PRO A 102 9.35 -8.77 -26.19
C PRO A 102 7.91 -9.15 -25.74
N LEU A 103 6.90 -8.27 -25.99
CA LEU A 103 5.48 -8.53 -25.71
C LEU A 103 4.90 -9.47 -26.79
N LEU A 104 5.24 -9.25 -28.07
CA LEU A 104 4.83 -10.11 -29.20
C LEU A 104 5.20 -11.58 -28.88
N LYS A 105 6.46 -11.80 -28.45
CA LYS A 105 7.00 -13.09 -28.00
C LYS A 105 6.23 -13.65 -26.78
N LEU A 106 5.70 -12.78 -25.90
CA LEU A 106 4.99 -13.19 -24.68
C LEU A 106 3.56 -13.69 -24.91
N LEU A 107 2.82 -13.06 -25.84
CA LEU A 107 1.40 -13.35 -26.10
C LEU A 107 0.99 -14.82 -26.35
N PRO A 108 1.72 -15.66 -27.13
CA PRO A 108 1.27 -17.06 -27.28
C PRO A 108 1.24 -17.84 -25.98
N ASP A 109 2.13 -17.45 -25.02
CA ASP A 109 2.25 -18.07 -23.68
C ASP A 109 1.02 -17.85 -22.81
N ILE A 110 0.29 -16.75 -23.05
CA ILE A 110 -0.93 -16.39 -22.33
C ILE A 110 -2.24 -16.65 -23.11
N TYR A 111 -2.19 -17.46 -24.19
CA TYR A 111 -3.36 -17.79 -25.06
C TYR A 111 -3.71 -16.59 -25.96
N GLY A 112 -2.75 -15.67 -26.11
CA GLY A 112 -2.83 -14.47 -26.93
C GLY A 112 -3.79 -13.41 -26.44
N TRP A 113 -3.88 -12.32 -27.20
CA TRP A 113 -4.84 -11.23 -27.02
C TRP A 113 -5.74 -11.24 -28.27
N PRO A 114 -6.96 -11.80 -28.16
CA PRO A 114 -7.83 -11.92 -29.36
C PRO A 114 -7.97 -10.76 -30.32
N VAL A 115 -8.04 -9.52 -29.82
CA VAL A 115 -8.20 -8.29 -30.62
C VAL A 115 -6.99 -8.00 -31.54
N ALA A 116 -5.78 -8.43 -31.13
CA ALA A 116 -4.54 -8.19 -31.88
C ALA A 116 -4.02 -9.48 -32.54
N THR A 117 -4.85 -10.54 -32.57
CA THR A 117 -4.55 -11.85 -33.17
C THR A 117 -5.54 -12.19 -34.32
N GLU A 118 -5.04 -12.74 -35.45
CA GLU A 118 -5.91 -13.18 -36.56
C GLU A 118 -6.40 -14.58 -36.18
N ASN A 119 -7.66 -14.93 -36.53
CA ASN A 119 -8.24 -16.25 -36.24
C ASN A 119 -7.90 -16.82 -34.84
N TRP A 120 -8.24 -16.07 -33.77
CA TRP A 120 -7.95 -16.46 -32.38
C TRP A 120 -8.57 -17.78 -31.99
N GLU A 121 -9.81 -18.02 -32.44
CA GLU A 121 -10.56 -19.26 -32.15
C GLU A 121 -9.85 -20.51 -32.66
N GLN A 122 -9.31 -20.47 -33.91
CA GLN A 122 -8.58 -21.60 -34.45
C GLN A 122 -7.24 -21.75 -33.74
N LYS A 123 -6.54 -20.64 -33.54
CA LYS A 123 -5.22 -20.64 -32.90
C LYS A 123 -5.25 -21.03 -31.42
N TYR A 124 -6.09 -20.33 -30.62
CA TYR A 124 -6.16 -20.51 -29.17
C TYR A 124 -7.41 -21.11 -28.60
N GLY A 125 -8.57 -20.77 -29.17
CA GLY A 125 -9.88 -21.24 -28.74
C GLY A 125 -10.03 -22.75 -28.62
N ALA A 126 -9.46 -23.48 -29.60
CA ALA A 126 -9.47 -24.93 -29.71
C ALA A 126 -8.98 -25.63 -28.44
N SER A 127 -7.82 -25.20 -27.89
CA SER A 127 -7.24 -25.77 -26.66
C SER A 127 -7.81 -25.10 -25.40
N TRP A 128 -8.14 -23.77 -25.50
CA TRP A 128 -8.62 -22.87 -24.45
C TRP A 128 -9.51 -23.48 -23.41
N THR A 129 -9.18 -23.17 -22.15
CA THR A 129 -9.85 -23.62 -20.95
C THR A 129 -9.65 -22.49 -19.96
N ALA A 130 -10.75 -22.04 -19.33
CA ALA A 130 -10.76 -20.96 -18.36
C ALA A 130 -9.78 -21.28 -17.26
N GLU A 131 -9.80 -22.53 -16.79
CA GLU A 131 -8.92 -22.99 -15.73
C GLU A 131 -7.45 -23.00 -16.13
N LYS A 132 -7.14 -23.16 -17.44
CA LYS A 132 -5.77 -23.12 -17.96
C LYS A 132 -5.33 -21.68 -18.21
N ALA A 133 -6.22 -20.86 -18.84
CA ALA A 133 -5.98 -19.46 -19.17
C ALA A 133 -5.78 -18.57 -17.94
N ILE A 134 -6.66 -18.71 -16.91
CA ILE A 134 -6.58 -17.95 -15.66
C ILE A 134 -5.33 -18.35 -14.87
N ALA A 135 -5.05 -19.67 -14.81
CA ALA A 135 -3.91 -20.26 -14.11
C ALA A 135 -2.58 -19.83 -14.65
N GLN A 136 -2.43 -19.80 -16.01
CA GLN A 136 -1.22 -19.34 -16.72
C GLN A 136 -0.83 -17.93 -16.29
N LEU A 137 -1.82 -16.99 -16.34
CA LEU A 137 -1.60 -15.62 -15.94
C LEU A 137 -1.22 -15.52 -14.47
N ASN A 138 -1.88 -16.34 -13.63
CA ASN A 138 -1.66 -16.38 -12.19
C ASN A 138 -0.25 -16.91 -11.80
N SER A 139 0.05 -18.18 -12.14
CA SER A 139 1.28 -18.86 -11.73
C SER A 139 2.58 -18.36 -12.36
N LYS A 140 2.55 -18.05 -13.63
CA LYS A 140 3.76 -17.60 -14.32
C LYS A 140 3.96 -16.10 -14.18
N TYR A 141 2.88 -15.30 -14.20
CA TYR A 141 3.07 -13.85 -14.20
C TYR A 141 2.55 -13.06 -13.00
N GLY A 142 1.97 -13.73 -12.02
CA GLY A 142 1.39 -13.10 -10.84
C GLY A 142 0.17 -12.23 -11.11
N LYS A 143 -0.41 -12.35 -12.33
CA LYS A 143 -1.57 -11.58 -12.76
C LYS A 143 -2.87 -12.33 -12.46
N LYS A 144 -3.62 -11.83 -11.47
CA LYS A 144 -4.86 -12.41 -10.98
C LYS A 144 -6.09 -11.74 -11.61
N VAL A 145 -6.74 -12.49 -12.53
CA VAL A 145 -7.92 -12.06 -13.30
C VAL A 145 -9.10 -13.02 -13.09
N LEU A 146 -10.34 -12.47 -13.01
CA LEU A 146 -11.63 -13.16 -12.83
C LEU A 146 -11.76 -13.80 -11.45
N ILE A 147 -10.79 -14.64 -11.08
CA ILE A 147 -10.71 -15.34 -9.79
C ILE A 147 -9.30 -15.13 -9.23
N ASN A 148 -9.22 -14.51 -8.06
CA ASN A 148 -7.96 -14.24 -7.39
C ASN A 148 -7.64 -15.38 -6.40
N LEU A 149 -6.79 -16.30 -6.85
CA LEU A 149 -6.30 -17.44 -6.06
C LEU A 149 -4.84 -17.18 -5.69
N PHE A 150 -4.56 -17.15 -4.38
CA PHE A 150 -3.23 -16.90 -3.83
C PHE A 150 -2.87 -17.76 -2.60
N VAL A 151 -1.56 -17.92 -2.33
CA VAL A 151 -1.05 -18.61 -1.15
C VAL A 151 -0.66 -17.52 -0.14
N GLY A 152 -1.27 -17.60 1.03
CA GLY A 152 -1.04 -16.63 2.09
C GLY A 152 -1.23 -17.23 3.44
N THR A 153 -0.71 -16.56 4.48
CA THR A 153 -0.82 -16.89 5.90
C THR A 153 -2.28 -17.15 6.28
N ASP A 154 -2.52 -18.21 7.09
CA ASP A 154 -3.84 -18.55 7.59
C ASP A 154 -4.17 -17.58 8.67
N ASP A 155 -5.28 -16.85 8.53
CA ASP A 155 -5.67 -15.87 9.56
C ASP A 155 -5.94 -16.57 10.84
N LYS A 156 -6.48 -17.81 10.80
CA LYS A 156 -6.77 -18.62 12.01
C LYS A 156 -5.62 -19.53 12.55
N ASN A 157 -4.48 -19.57 11.84
CA ASN A 157 -3.24 -20.25 12.21
C ASN A 157 -2.01 -19.58 11.57
N SER A 158 -1.47 -18.54 12.25
CA SER A 158 -0.34 -17.68 11.86
C SER A 158 1.02 -18.36 11.54
N VAL A 159 1.15 -19.68 11.74
CA VAL A 159 2.36 -20.43 11.44
C VAL A 159 2.24 -21.09 10.09
N ASN A 160 1.00 -21.34 9.63
CA ASN A 160 0.77 -22.01 8.35
C ASN A 160 0.34 -21.09 7.21
N HIS A 161 0.37 -21.65 5.98
CA HIS A 161 -0.10 -21.01 4.76
C HIS A 161 -1.33 -21.76 4.28
N VAL A 162 -2.16 -21.07 3.53
CA VAL A 162 -3.38 -21.63 2.94
C VAL A 162 -3.61 -20.98 1.61
N ILE A 163 -4.36 -21.67 0.78
CA ILE A 163 -4.83 -21.18 -0.49
C ILE A 163 -6.07 -20.35 -0.13
N HIS A 164 -6.09 -19.11 -0.62
CA HIS A 164 -7.17 -18.15 -0.50
C HIS A 164 -7.83 -17.97 -1.85
N ILE A 165 -9.14 -17.66 -1.88
CA ILE A 165 -9.89 -17.35 -3.11
C ILE A 165 -10.64 -16.03 -2.85
N ASP A 166 -10.37 -15.02 -3.66
CA ASP A 166 -10.96 -13.70 -3.48
C ASP A 166 -11.33 -13.09 -4.83
N GLN A 167 -12.07 -11.97 -4.79
CA GLN A 167 -12.48 -11.21 -5.97
C GLN A 167 -11.23 -10.55 -6.57
N PRO A 168 -11.08 -10.37 -7.89
CA PRO A 168 -9.86 -9.75 -8.39
C PRO A 168 -9.90 -8.23 -8.35
N ARG A 169 -8.72 -7.63 -8.56
CA ARG A 169 -8.52 -6.20 -8.70
C ARG A 169 -9.03 -5.85 -10.09
N LEU A 170 -9.39 -4.60 -10.29
CA LEU A 170 -9.94 -4.15 -11.56
C LEU A 170 -8.94 -3.22 -12.23
N GLY A 171 -9.11 -2.99 -13.52
CA GLY A 171 -8.20 -2.12 -14.27
C GLY A 171 -8.27 -0.66 -13.89
N LEU A 172 -9.44 -0.23 -13.38
CA LEU A 172 -9.64 1.15 -12.91
C LEU A 172 -9.41 1.16 -11.39
N PRO A 173 -9.09 2.33 -10.75
CA PRO A 173 -8.74 2.33 -9.30
C PRO A 173 -9.67 1.62 -8.34
N SER A 174 -11.00 1.76 -8.54
CA SER A 174 -12.03 1.13 -7.72
C SER A 174 -13.28 0.82 -8.54
N ARG A 175 -14.21 0.01 -7.98
CA ARG A 175 -15.48 -0.41 -8.57
C ARG A 175 -16.35 0.77 -8.94
N ASP A 176 -16.26 1.86 -8.14
CA ASP A 176 -16.93 3.16 -8.24
C ASP A 176 -16.79 3.79 -9.62
N TYR A 177 -15.59 3.70 -10.22
CA TYR A 177 -15.25 4.23 -11.53
C TYR A 177 -16.17 3.73 -12.64
N TYR A 178 -16.58 2.46 -12.53
CA TYR A 178 -17.42 1.77 -13.51
C TYR A 178 -18.80 2.38 -13.80
N GLU A 179 -19.22 3.40 -12.98
CA GLU A 179 -20.44 4.18 -13.21
C GLU A 179 -20.24 4.87 -14.56
N CYS A 180 -18.96 5.32 -14.82
CA CYS A 180 -18.49 5.95 -16.06
C CYS A 180 -19.15 7.27 -16.35
N THR A 181 -19.60 7.95 -15.31
CA THR A 181 -20.29 9.23 -15.47
C THR A 181 -19.63 10.29 -14.61
N GLY A 182 -19.84 11.54 -14.99
CA GLY A 182 -19.29 12.72 -14.30
C GLY A 182 -17.82 12.63 -14.02
N ILE A 183 -17.48 12.50 -12.73
CA ILE A 183 -16.09 12.43 -12.24
C ILE A 183 -15.30 11.26 -12.76
N TYR A 184 -15.98 10.20 -13.22
CA TYR A 184 -15.36 8.99 -13.72
C TYR A 184 -15.33 8.87 -15.25
N LYS A 185 -16.10 9.72 -15.95
CA LYS A 185 -16.22 9.75 -17.41
C LYS A 185 -14.87 9.79 -18.16
N GLU A 186 -13.99 10.72 -17.79
CA GLU A 186 -12.70 10.84 -18.46
C GLU A 186 -11.80 9.58 -18.28
N ALA A 187 -11.79 8.97 -17.06
CA ALA A 187 -11.08 7.72 -16.73
C ALA A 187 -11.55 6.53 -17.56
N CYS A 188 -12.88 6.40 -17.76
CA CYS A 188 -13.48 5.31 -18.53
C CYS A 188 -13.20 5.43 -20.00
N THR A 189 -13.27 6.68 -20.53
CA THR A 189 -12.98 7.01 -21.93
C THR A 189 -11.51 6.72 -22.22
N ALA A 190 -10.59 7.25 -21.37
CA ALA A 190 -9.14 7.05 -21.49
C ALA A 190 -8.73 5.58 -21.29
N TYR A 191 -9.46 4.80 -20.48
CA TYR A 191 -9.24 3.35 -20.28
C TYR A 191 -9.49 2.54 -21.59
N VAL A 192 -10.67 2.74 -22.21
CA VAL A 192 -11.06 2.05 -23.45
C VAL A 192 -10.20 2.52 -24.61
N ASP A 193 -9.91 3.84 -24.66
CA ASP A 193 -9.02 4.41 -25.67
C ASP A 193 -7.61 3.85 -25.56
N PHE A 194 -7.15 3.52 -24.33
CA PHE A 194 -5.83 2.91 -24.03
C PHE A 194 -5.83 1.44 -24.51
N MET A 195 -6.93 0.67 -24.29
CA MET A 195 -7.11 -0.68 -24.84
C MET A 195 -6.95 -0.61 -26.38
N ILE A 196 -7.73 0.28 -27.01
CA ILE A 196 -7.72 0.53 -28.45
C ILE A 196 -6.32 0.88 -28.96
N SER A 197 -5.64 1.84 -28.30
CA SER A 197 -4.30 2.27 -28.67
C SER A 197 -3.25 1.15 -28.71
N VAL A 198 -3.17 0.35 -27.64
CA VAL A 198 -2.25 -0.79 -27.54
C VAL A 198 -2.59 -1.85 -28.60
N ALA A 199 -3.89 -2.26 -28.72
CA ALA A 199 -4.36 -3.21 -29.76
C ALA A 199 -3.90 -2.77 -31.17
N ARG A 200 -3.98 -1.44 -31.48
CA ARG A 200 -3.58 -0.83 -32.74
C ARG A 200 -2.08 -0.86 -32.95
N LEU A 201 -1.30 -0.66 -31.86
CA LEU A 201 0.17 -0.71 -31.94
C LEU A 201 0.64 -2.13 -32.23
N ILE A 202 -0.01 -3.12 -31.61
CA ILE A 202 0.31 -4.54 -31.81
C ILE A 202 -0.01 -4.98 -33.24
N ARG A 203 -1.20 -4.63 -33.74
CA ARG A 203 -1.64 -4.96 -35.11
C ARG A 203 -0.68 -4.37 -36.14
N GLN A 204 -0.31 -3.07 -35.96
CA GLN A 204 0.63 -2.37 -36.84
C GLN A 204 1.98 -3.07 -36.91
N GLU A 205 2.49 -3.53 -35.75
CA GLU A 205 3.77 -4.21 -35.63
C GLU A 205 3.69 -5.61 -36.19
N GLU A 206 2.53 -6.29 -36.03
CA GLU A 206 2.33 -7.65 -36.56
C GLU A 206 1.89 -7.66 -38.04
N ARG A 207 1.89 -6.48 -38.70
CA ARG A 207 1.49 -6.25 -40.08
C ARG A 207 0.06 -6.78 -40.33
N LEU A 208 -0.87 -6.45 -39.42
CA LEU A 208 -2.27 -6.88 -39.53
C LEU A 208 -3.14 -5.74 -40.01
N PRO A 209 -4.29 -6.00 -40.70
CA PRO A 209 -5.15 -4.87 -41.13
C PRO A 209 -5.86 -4.24 -39.92
N ILE A 210 -5.94 -2.92 -39.87
CA ILE A 210 -6.59 -2.25 -38.76
C ILE A 210 -7.95 -1.70 -39.13
N ASP A 211 -8.99 -2.30 -38.54
CA ASP A 211 -10.40 -1.87 -38.64
C ASP A 211 -10.69 -1.14 -37.34
N GLU A 212 -10.72 0.20 -37.37
CA GLU A 212 -10.98 1.03 -36.20
C GLU A 212 -12.31 0.74 -35.51
N ASN A 213 -13.36 0.42 -36.29
CA ASN A 213 -14.70 0.10 -35.79
C ASN A 213 -14.73 -1.20 -34.99
N GLN A 214 -14.09 -2.28 -35.50
CA GLN A 214 -14.01 -3.58 -34.78
C GLN A 214 -13.12 -3.50 -33.52
N LEU A 215 -12.15 -2.56 -33.49
CA LEU A 215 -11.30 -2.35 -32.31
C LEU A 215 -12.20 -1.79 -31.21
N ALA A 216 -13.01 -0.77 -31.54
CA ALA A 216 -13.95 -0.13 -30.61
C ALA A 216 -15.06 -1.09 -30.16
N LEU A 217 -15.55 -1.97 -31.05
CA LEU A 217 -16.58 -2.96 -30.74
C LEU A 217 -16.07 -3.98 -29.75
N GLU A 218 -14.86 -4.52 -29.99
CA GLU A 218 -14.23 -5.51 -29.10
C GLU A 218 -13.82 -4.88 -27.76
N MET A 219 -13.22 -3.67 -27.80
CA MET A 219 -12.76 -3.05 -26.56
C MET A 219 -13.84 -2.56 -25.64
N ASN A 220 -15.00 -2.17 -26.22
CA ASN A 220 -16.17 -1.79 -25.43
C ASN A 220 -16.83 -3.00 -24.81
N LYS A 221 -16.66 -4.17 -25.44
CA LYS A 221 -17.14 -5.43 -24.90
C LYS A 221 -16.28 -5.85 -23.71
N VAL A 222 -14.98 -5.40 -23.64
CA VAL A 222 -14.17 -5.69 -22.45
C VAL A 222 -14.60 -4.81 -21.25
N MET A 223 -14.87 -3.52 -21.52
CA MET A 223 -15.38 -2.57 -20.54
C MET A 223 -16.75 -3.06 -20.02
N GLU A 224 -17.64 -3.51 -20.95
CA GLU A 224 -18.98 -4.05 -20.64
C GLU A 224 -18.85 -5.22 -19.65
N LEU A 225 -17.88 -6.12 -19.91
CA LEU A 225 -17.54 -7.28 -19.09
C LEU A 225 -17.01 -6.85 -17.70
N GLU A 226 -15.99 -5.96 -17.67
CA GLU A 226 -15.38 -5.49 -16.43
C GLU A 226 -16.34 -4.65 -15.58
N LYS A 227 -17.28 -3.92 -16.22
CA LYS A 227 -18.34 -3.21 -15.51
C LYS A 227 -19.19 -4.23 -14.69
N GLU A 228 -19.53 -5.40 -15.27
CA GLU A 228 -20.27 -6.51 -14.61
C GLU A 228 -19.49 -7.16 -13.47
N ILE A 229 -18.17 -7.39 -13.70
CA ILE A 229 -17.28 -7.98 -12.71
C ILE A 229 -17.11 -7.00 -11.57
N ALA A 230 -17.01 -5.69 -11.88
CA ALA A 230 -16.87 -4.65 -10.88
C ALA A 230 -18.11 -4.55 -9.98
N ASN A 231 -19.34 -4.67 -10.55
CA ASN A 231 -20.60 -4.60 -9.81
C ASN A 231 -20.78 -5.85 -8.95
N ALA A 232 -20.24 -7.00 -9.40
CA ALA A 232 -20.28 -8.25 -8.63
C ALA A 232 -19.40 -8.17 -7.38
N THR A 233 -18.27 -7.39 -7.44
CA THR A 233 -17.35 -7.27 -6.31
C THR A 233 -18.00 -6.63 -5.08
N ALA A 234 -17.67 -7.15 -3.92
CA ALA A 234 -18.14 -6.61 -2.65
C ALA A 234 -17.42 -5.27 -2.32
N LYS A 235 -18.16 -4.36 -1.70
CA LYS A 235 -17.67 -3.05 -1.28
C LYS A 235 -16.64 -3.22 -0.14
N PRO A 236 -15.66 -2.28 0.03
CA PRO A 236 -14.70 -2.40 1.17
C PRO A 236 -15.41 -2.42 2.53
N GLU A 237 -16.56 -1.68 2.65
CA GLU A 237 -17.43 -1.59 3.85
C GLU A 237 -18.02 -2.94 4.26
N ASP A 238 -18.17 -3.83 3.28
CA ASP A 238 -18.69 -5.18 3.45
C ASP A 238 -17.55 -6.17 3.61
N ARG A 239 -16.28 -5.68 3.72
CA ARG A 239 -15.09 -6.51 3.84
C ARG A 239 -14.22 -6.15 5.04
N ASN A 240 -14.72 -5.23 5.88
CA ASN A 240 -13.96 -4.75 7.05
C ASN A 240 -14.04 -5.56 8.34
N ASP A 241 -14.78 -6.68 8.34
CA ASP A 241 -14.87 -7.53 9.52
C ASP A 241 -14.13 -8.81 9.17
N PRO A 242 -12.90 -8.96 9.74
CA PRO A 242 -12.06 -10.12 9.37
C PRO A 242 -12.68 -11.47 9.69
N MET A 243 -13.49 -11.54 10.75
CA MET A 243 -14.24 -12.70 11.23
C MET A 243 -15.35 -13.10 10.27
N LEU A 244 -15.99 -12.13 9.61
CA LEU A 244 -17.07 -12.47 8.66
C LEU A 244 -16.50 -12.81 7.28
N LEU A 245 -15.29 -12.30 7.00
CA LEU A 245 -14.64 -12.48 5.73
C LEU A 245 -14.00 -13.84 5.66
N TYR A 246 -13.55 -14.36 6.83
CA TYR A 246 -12.92 -15.66 6.92
C TYR A 246 -13.93 -16.81 6.77
N ASN A 247 -13.91 -17.50 5.61
CA ASN A 247 -14.74 -18.69 5.37
C ASN A 247 -13.87 -19.88 4.94
N LYS A 248 -13.60 -20.82 5.86
CA LYS A 248 -12.85 -22.04 5.55
C LYS A 248 -13.76 -23.13 4.97
N MET A 249 -13.41 -23.57 3.76
CA MET A 249 -14.09 -24.54 2.92
C MET A 249 -13.06 -25.52 2.35
N THR A 250 -13.51 -26.70 1.92
CA THR A 250 -12.65 -27.67 1.25
C THR A 250 -12.87 -27.39 -0.21
N LEU A 251 -11.97 -27.85 -1.10
CA LEU A 251 -12.17 -27.63 -2.54
C LEU A 251 -13.44 -28.31 -3.07
N ALA A 252 -13.88 -29.39 -2.39
CA ALA A 252 -15.09 -30.13 -2.67
C ALA A 252 -16.31 -29.20 -2.48
N GLN A 253 -16.45 -28.61 -1.27
CA GLN A 253 -17.53 -27.67 -0.98
C GLN A 253 -17.49 -26.41 -1.84
N ILE A 254 -16.29 -25.99 -2.34
CA ILE A 254 -16.18 -24.84 -3.25
C ILE A 254 -16.78 -25.24 -4.59
N GLN A 255 -16.49 -26.47 -5.07
CA GLN A 255 -17.05 -26.99 -6.33
C GLN A 255 -18.57 -27.19 -6.22
N ASN A 256 -19.06 -27.59 -5.03
CA ASN A 256 -20.49 -27.79 -4.78
C ASN A 256 -21.24 -26.45 -4.58
N ASN A 257 -20.69 -25.53 -3.77
CA ASN A 257 -21.34 -24.25 -3.45
C ASN A 257 -21.12 -23.12 -4.44
N PHE A 258 -20.07 -23.19 -5.28
CA PHE A 258 -19.72 -22.16 -6.28
C PHE A 258 -19.39 -22.75 -7.63
N SER A 259 -20.43 -23.19 -8.35
CA SER A 259 -20.33 -23.72 -9.70
C SER A 259 -20.13 -22.54 -10.64
N LEU A 260 -19.43 -22.77 -11.73
CA LEU A 260 -19.19 -21.78 -12.78
C LEU A 260 -19.26 -22.48 -14.12
N GLU A 261 -19.86 -21.84 -15.10
CA GLU A 261 -19.94 -22.38 -16.45
C GLU A 261 -19.30 -21.37 -17.37
N ILE A 262 -18.05 -21.64 -17.71
CA ILE A 262 -17.26 -20.77 -18.58
C ILE A 262 -17.03 -21.50 -19.90
N ASN A 263 -17.40 -20.87 -21.04
CA ASN A 263 -17.33 -21.42 -22.40
C ASN A 263 -18.20 -22.70 -22.51
N GLY A 264 -19.30 -22.72 -21.73
CA GLY A 264 -20.25 -23.82 -21.61
C GLY A 264 -19.59 -25.12 -21.17
N LYS A 265 -18.72 -25.07 -20.14
CA LYS A 265 -17.92 -26.22 -19.72
C LYS A 265 -18.52 -27.32 -18.78
N PRO A 266 -18.63 -27.28 -17.42
CA PRO A 266 -18.34 -26.21 -16.44
C PRO A 266 -16.89 -26.15 -15.91
N PHE A 267 -16.67 -25.25 -14.92
CA PHE A 267 -15.37 -24.99 -14.28
C PHE A 267 -15.01 -26.04 -13.23
N SER A 268 -13.77 -26.55 -13.32
CA SER A 268 -13.23 -27.51 -12.38
C SER A 268 -12.25 -26.79 -11.45
N TRP A 269 -12.69 -26.50 -10.21
CA TRP A 269 -11.88 -25.85 -9.18
C TRP A 269 -10.59 -26.64 -8.89
N LEU A 270 -10.66 -27.99 -8.96
CA LEU A 270 -9.50 -28.87 -8.73
C LEU A 270 -8.45 -28.75 -9.83
N ASN A 271 -8.88 -28.75 -11.12
CA ASN A 271 -7.99 -28.59 -12.28
C ASN A 271 -7.31 -27.20 -12.22
N PHE A 272 -8.09 -26.12 -11.99
CA PHE A 272 -7.63 -24.73 -11.83
C PHE A 272 -6.51 -24.60 -10.79
N THR A 273 -6.75 -25.11 -9.58
CA THR A 273 -5.80 -25.09 -8.46
C THR A 273 -4.54 -25.91 -8.77
N ASN A 274 -4.71 -27.11 -9.34
CA ASN A 274 -3.57 -27.96 -9.71
C ASN A 274 -2.79 -27.36 -10.88
N GLU A 275 -3.50 -26.69 -11.82
CA GLU A 275 -2.87 -25.98 -12.94
C GLU A 275 -1.95 -24.89 -12.38
N ILE A 276 -2.37 -24.21 -11.28
CA ILE A 276 -1.56 -23.20 -10.57
C ILE A 276 -0.45 -23.88 -9.76
N MET A 277 -0.81 -24.78 -8.84
CA MET A 277 0.14 -25.45 -7.95
C MET A 277 1.18 -26.39 -8.57
N SER A 278 0.93 -26.94 -9.78
CA SER A 278 1.90 -27.82 -10.46
C SER A 278 3.15 -27.06 -10.87
N THR A 279 3.04 -25.73 -11.11
CA THR A 279 4.12 -24.77 -11.41
C THR A 279 5.22 -24.92 -10.37
N VAL A 280 4.81 -25.34 -9.18
CA VAL A 280 5.62 -25.49 -8.00
C VAL A 280 5.63 -26.98 -7.50
N ASN A 281 5.14 -27.89 -8.37
CA ASN A 281 5.01 -29.33 -8.16
C ASN A 281 4.40 -29.76 -6.83
N ILE A 282 3.21 -29.21 -6.58
CA ILE A 282 2.39 -29.45 -5.41
C ILE A 282 1.07 -30.02 -5.92
N SER A 283 0.71 -31.20 -5.38
CA SER A 283 -0.53 -31.87 -5.69
C SER A 283 -1.63 -31.45 -4.69
N ILE A 284 -2.81 -31.17 -5.24
CA ILE A 284 -3.98 -30.70 -4.51
C ILE A 284 -5.12 -31.67 -4.70
N THR A 285 -5.78 -32.02 -3.58
CA THR A 285 -6.95 -32.92 -3.53
C THR A 285 -8.22 -32.11 -3.23
N ASN A 286 -9.42 -32.72 -3.39
CA ASN A 286 -10.70 -32.02 -3.11
C ASN A 286 -10.92 -31.83 -1.62
N GLU A 287 -10.02 -32.39 -0.79
CA GLU A 287 -10.04 -32.29 0.66
C GLU A 287 -9.09 -31.17 1.12
N GLU A 288 -8.64 -30.33 0.16
CA GLU A 288 -7.76 -29.18 0.35
C GLU A 288 -8.56 -28.05 1.02
N ASP A 289 -8.03 -27.51 2.12
CA ASP A 289 -8.63 -26.39 2.84
C ASP A 289 -8.28 -25.05 2.19
N VAL A 290 -9.32 -24.25 1.89
CA VAL A 290 -9.25 -22.97 1.20
C VAL A 290 -10.00 -21.88 1.96
N VAL A 291 -9.38 -20.71 2.09
CA VAL A 291 -10.03 -19.55 2.71
C VAL A 291 -10.71 -18.76 1.56
N VAL A 292 -12.06 -18.72 1.58
CA VAL A 292 -12.84 -18.02 0.55
C VAL A 292 -13.29 -16.66 1.11
N TYR A 293 -12.62 -15.58 0.64
CA TYR A 293 -12.93 -14.21 1.06
C TYR A 293 -14.10 -13.61 0.30
N ALA A 294 -14.39 -14.13 -0.90
CA ALA A 294 -15.48 -13.54 -1.67
C ALA A 294 -16.58 -14.54 -2.15
N PRO A 295 -17.29 -15.21 -1.18
CA PRO A 295 -18.35 -16.18 -1.54
C PRO A 295 -19.48 -15.56 -2.35
N GLU A 296 -19.98 -14.36 -1.94
CA GLU A 296 -21.04 -13.67 -2.68
C GLU A 296 -20.59 -13.29 -4.08
N TYR A 297 -19.30 -12.89 -4.23
CA TYR A 297 -18.76 -12.52 -5.55
C TYR A 297 -18.76 -13.71 -6.48
N LEU A 298 -18.38 -14.89 -5.95
CA LEU A 298 -18.32 -16.15 -6.69
C LEU A 298 -19.73 -16.58 -7.14
N THR A 299 -20.75 -16.38 -6.26
CA THR A 299 -22.15 -16.65 -6.58
C THR A 299 -22.61 -15.72 -7.72
N LYS A 300 -22.41 -14.39 -7.60
CA LYS A 300 -22.79 -13.40 -8.62
C LYS A 300 -22.10 -13.59 -9.97
N LEU A 301 -20.88 -14.15 -9.94
CA LEU A 301 -20.03 -14.43 -11.10
C LEU A 301 -20.69 -15.45 -12.08
N LYS A 302 -21.28 -16.52 -11.53
CA LYS A 302 -21.97 -17.58 -12.28
C LYS A 302 -22.86 -17.05 -13.43
N PRO A 303 -23.91 -16.20 -13.22
CA PRO A 303 -24.70 -15.70 -14.36
C PRO A 303 -24.02 -14.64 -15.21
N ILE A 304 -22.83 -14.18 -14.82
CA ILE A 304 -22.12 -13.17 -15.60
C ILE A 304 -21.36 -13.89 -16.71
N LEU A 305 -20.53 -14.86 -16.33
CA LEU A 305 -19.62 -15.64 -17.18
C LEU A 305 -20.29 -16.52 -18.27
N THR A 306 -21.53 -17.01 -18.03
CA THR A 306 -22.31 -17.80 -19.01
C THR A 306 -22.63 -16.96 -20.24
N LYS A 307 -22.72 -15.64 -20.05
CA LYS A 307 -23.05 -14.67 -21.09
C LYS A 307 -21.93 -14.38 -22.10
N TYR A 308 -20.66 -14.64 -21.73
CA TYR A 308 -19.51 -14.30 -22.58
C TYR A 308 -18.81 -15.52 -23.11
N SER A 309 -18.11 -15.36 -24.25
CA SER A 309 -17.35 -16.41 -24.91
C SER A 309 -15.93 -16.49 -24.35
N ALA A 310 -15.13 -17.48 -24.82
CA ALA A 310 -13.72 -17.64 -24.48
C ALA A 310 -12.97 -16.37 -24.97
N ARG A 311 -13.35 -15.88 -26.17
CA ARG A 311 -12.80 -14.72 -26.85
C ARG A 311 -13.01 -13.42 -26.09
N ASP A 312 -14.19 -13.25 -25.46
CA ASP A 312 -14.53 -12.04 -24.73
C ASP A 312 -13.73 -11.97 -23.43
N LEU A 313 -13.66 -13.09 -22.70
CA LEU A 313 -12.96 -13.20 -21.42
C LEU A 313 -11.46 -13.01 -21.57
N GLN A 314 -10.83 -13.68 -22.57
CA GLN A 314 -9.39 -13.59 -22.82
C GLN A 314 -9.00 -12.19 -23.29
N ASN A 315 -9.95 -11.45 -23.91
CA ASN A 315 -9.71 -10.08 -24.36
C ASN A 315 -9.49 -9.14 -23.16
N LEU A 316 -10.17 -9.41 -22.04
CA LEU A 316 -10.02 -8.70 -20.78
C LEU A 316 -8.80 -9.25 -20.04
N MET A 317 -8.69 -10.59 -19.95
CA MET A 317 -7.61 -11.28 -19.23
C MET A 317 -6.22 -10.85 -19.64
N SER A 318 -5.93 -10.84 -20.96
CA SER A 318 -4.65 -10.42 -21.53
C SER A 318 -4.48 -8.90 -21.44
N TRP A 319 -5.56 -8.11 -21.64
CA TRP A 319 -5.47 -6.66 -21.48
C TRP A 319 -4.98 -6.27 -20.09
N ARG A 320 -5.51 -6.91 -19.06
CA ARG A 320 -5.17 -6.68 -17.67
C ARG A 320 -3.68 -6.89 -17.38
N PHE A 321 -3.01 -7.79 -18.13
CA PHE A 321 -1.59 -8.04 -18.02
C PHE A 321 -0.83 -7.09 -18.95
N ILE A 322 -1.29 -6.92 -20.20
CA ILE A 322 -0.69 -6.04 -21.21
C ILE A 322 -0.61 -4.56 -20.74
N MET A 323 -1.67 -4.04 -20.08
CA MET A 323 -1.72 -2.68 -19.53
C MET A 323 -0.59 -2.39 -18.52
N ASP A 324 -0.01 -3.45 -17.93
CA ASP A 324 1.10 -3.39 -16.96
C ASP A 324 2.49 -3.51 -17.59
N LEU A 325 2.57 -4.04 -18.83
CA LEU A 325 3.82 -4.29 -19.54
C LEU A 325 4.21 -3.14 -20.46
N VAL A 326 3.21 -2.43 -21.00
CA VAL A 326 3.34 -1.34 -21.94
C VAL A 326 4.41 -0.28 -21.54
N SER A 327 4.55 0.01 -20.25
CA SER A 327 5.49 0.99 -19.70
C SER A 327 6.93 0.42 -19.64
N SER A 328 7.09 -0.89 -19.89
CA SER A 328 8.41 -1.53 -19.93
C SER A 328 8.87 -1.74 -21.39
N LEU A 329 8.06 -1.26 -22.36
CA LEU A 329 8.37 -1.37 -23.79
C LEU A 329 8.89 -0.05 -24.33
N SER A 330 8.97 0.11 -25.67
CA SER A 330 9.47 1.34 -26.30
C SER A 330 8.57 2.55 -26.06
N ARG A 331 9.11 3.77 -26.30
CA ARG A 331 8.44 5.07 -26.15
C ARG A 331 7.00 5.07 -26.68
N THR A 332 6.80 4.54 -27.91
CA THR A 332 5.52 4.43 -28.62
C THR A 332 4.48 3.72 -27.75
N TYR A 333 4.89 2.57 -27.12
CA TYR A 333 4.06 1.81 -26.21
C TYR A 333 3.84 2.57 -24.91
N LYS A 334 4.92 3.19 -24.36
CA LYS A 334 4.90 3.98 -23.12
C LYS A 334 3.90 5.10 -23.22
N GLU A 335 3.92 5.85 -24.35
CA GLU A 335 3.04 6.97 -24.72
C GLU A 335 1.56 6.61 -24.79
N SER A 336 1.23 5.36 -25.18
CA SER A 336 -0.17 4.94 -25.29
C SER A 336 -0.92 5.07 -23.95
N ARG A 337 -0.16 5.17 -22.83
CA ARG A 337 -0.67 5.27 -21.46
C ARG A 337 -0.93 6.74 -20.97
N ASN A 338 -0.48 7.76 -21.72
CA ASN A 338 -0.59 9.17 -21.36
C ASN A 338 -1.94 9.71 -20.81
N ALA A 339 -3.06 9.52 -21.52
CA ALA A 339 -4.39 10.02 -21.11
C ALA A 339 -4.98 9.28 -19.92
N PHE A 340 -4.78 7.96 -19.87
CA PHE A 340 -5.21 7.08 -18.78
C PHE A 340 -4.55 7.47 -17.47
N ARG A 341 -3.20 7.60 -17.42
CA ARG A 341 -2.60 8.02 -16.16
C ARG A 341 -2.91 9.45 -15.74
N LYS A 342 -3.08 10.37 -16.70
CA LYS A 342 -3.50 11.74 -16.41
C LYS A 342 -4.91 11.70 -15.77
N ALA A 343 -5.85 10.93 -16.36
CA ALA A 343 -7.21 10.77 -15.80
C ALA A 343 -7.23 10.17 -14.38
N LEU A 344 -6.33 9.22 -14.08
CA LEU A 344 -6.26 8.61 -12.75
C LEU A 344 -5.44 9.38 -11.75
N TYR A 345 -4.35 10.00 -12.23
CA TYR A 345 -3.36 10.66 -11.40
C TYR A 345 -3.17 12.17 -11.58
N GLY A 346 -3.65 12.71 -12.70
CA GLY A 346 -3.48 14.11 -13.03
C GLY A 346 -2.11 14.49 -13.55
N THR A 347 -1.17 13.54 -13.57
CA THR A 347 0.20 13.75 -14.01
C THR A 347 0.31 13.88 -15.53
N THR A 348 1.07 14.86 -15.97
CA THR A 348 1.23 15.15 -17.40
C THR A 348 2.51 14.52 -17.90
N SER A 349 3.23 13.82 -17.02
CA SER A 349 4.52 13.25 -17.37
C SER A 349 4.92 12.08 -16.47
N GLU A 350 5.77 11.17 -16.98
CA GLU A 350 6.32 10.09 -16.17
C GLU A 350 7.50 10.67 -15.39
N THR A 351 7.77 10.11 -14.23
CA THR A 351 8.89 10.46 -13.37
C THR A 351 10.21 10.13 -14.11
N ALA A 352 11.34 10.77 -13.72
CA ALA A 352 12.65 10.49 -14.32
C ALA A 352 12.89 8.98 -14.38
N THR A 353 13.45 8.50 -15.50
CA THR A 353 13.76 7.08 -15.74
C THR A 353 14.60 6.50 -14.58
N TRP A 354 15.63 7.24 -14.13
CA TRP A 354 16.50 6.80 -13.03
C TRP A 354 15.71 6.61 -11.74
N ARG A 355 14.65 7.42 -11.52
CA ARG A 355 13.78 7.33 -10.33
C ARG A 355 12.91 6.08 -10.38
N ARG A 356 12.29 5.80 -11.55
CA ARG A 356 11.43 4.62 -11.75
C ARG A 356 12.23 3.35 -11.56
N CYS A 357 13.46 3.33 -12.08
CA CYS A 357 14.45 2.25 -12.00
C CYS A 357 14.99 2.05 -10.59
N ALA A 358 15.43 3.12 -9.90
CA ALA A 358 15.85 3.00 -8.50
C ALA A 358 14.73 2.31 -7.68
N ASN A 359 13.45 2.71 -7.89
CA ASN A 359 12.26 2.20 -7.21
C ASN A 359 11.95 0.78 -7.57
N TYR A 360 12.07 0.46 -8.84
CA TYR A 360 11.87 -0.87 -9.37
C TYR A 360 12.86 -1.82 -8.74
N VAL A 361 14.18 -1.50 -8.72
CA VAL A 361 15.16 -2.42 -8.15
C VAL A 361 15.05 -2.54 -6.61
N ASN A 362 14.64 -1.45 -5.93
CA ASN A 362 14.39 -1.43 -4.49
C ASN A 362 13.17 -2.32 -4.13
N GLY A 363 12.14 -2.28 -4.96
CA GLY A 363 10.94 -3.09 -4.76
C GLY A 363 11.14 -4.58 -4.98
N ASN A 364 12.08 -4.96 -5.89
CA ASN A 364 12.38 -6.35 -6.26
C ASN A 364 13.56 -7.01 -5.53
N MET A 365 14.48 -6.19 -4.97
CA MET A 365 15.70 -6.60 -4.25
C MET A 365 15.82 -5.74 -2.97
N GLU A 366 14.78 -5.72 -2.19
CA GLU A 366 14.66 -4.91 -0.99
C GLU A 366 15.76 -5.02 0.05
N ASN A 367 16.40 -6.19 0.16
CA ASN A 367 17.48 -6.46 1.10
C ASN A 367 18.82 -6.07 0.54
N ALA A 368 19.06 -6.32 -0.75
CA ALA A 368 20.28 -5.88 -1.45
C ALA A 368 20.31 -4.31 -1.45
N VAL A 369 19.20 -3.65 -1.86
CA VAL A 369 19.06 -2.20 -1.93
C VAL A 369 19.03 -1.56 -0.53
N GLY A 370 18.38 -2.22 0.42
CA GLY A 370 18.33 -1.76 1.81
C GLY A 370 19.69 -1.66 2.45
N ARG A 371 20.56 -2.69 2.17
CA ARG A 371 21.95 -2.81 2.64
C ARG A 371 22.78 -1.60 2.17
N LEU A 372 22.67 -1.26 0.88
CA LEU A 372 23.37 -0.16 0.21
C LEU A 372 22.92 1.17 0.76
N TYR A 373 21.60 1.27 1.06
CA TYR A 373 20.96 2.44 1.61
C TYR A 373 21.47 2.74 3.00
N VAL A 374 21.44 1.76 3.90
CA VAL A 374 21.86 1.92 5.29
C VAL A 374 23.31 2.31 5.48
N GLU A 375 24.20 1.74 4.64
CA GLU A 375 25.64 2.02 4.68
C GLU A 375 25.81 3.48 4.36
N ALA A 376 25.16 3.93 3.26
CA ALA A 376 25.21 5.29 2.78
C ALA A 376 24.48 6.29 3.68
N ALA A 377 23.23 5.98 4.06
CA ALA A 377 22.37 6.89 4.77
C ALA A 377 22.03 6.65 6.24
N PHE A 378 22.20 5.46 6.80
CA PHE A 378 21.74 5.24 8.17
C PHE A 378 22.79 4.99 9.30
N ALA A 379 22.71 5.83 10.37
CA ALA A 379 23.54 5.75 11.57
C ALA A 379 22.89 4.79 12.55
N GLY A 380 23.62 3.73 12.92
CA GLY A 380 23.18 2.68 13.83
C GLY A 380 22.92 3.07 15.27
N GLU A 381 23.36 4.26 15.70
CA GLU A 381 23.09 4.74 17.06
C GLU A 381 21.65 5.26 17.21
N SER A 382 20.96 5.51 16.06
CA SER A 382 19.56 5.92 15.96
C SER A 382 18.68 4.73 16.37
N LYS A 383 19.06 3.51 15.90
CA LYS A 383 18.37 2.24 16.19
C LYS A 383 18.03 2.09 17.68
N HIS A 384 19.04 2.32 18.55
CA HIS A 384 18.97 2.22 20.00
C HIS A 384 18.01 3.21 20.62
N VAL A 385 18.02 4.48 20.14
CA VAL A 385 17.16 5.55 20.64
C VAL A 385 15.69 5.23 20.29
N VAL A 386 15.44 4.77 19.05
CA VAL A 386 14.11 4.39 18.56
C VAL A 386 13.54 3.22 19.37
N GLU A 387 14.36 2.18 19.65
CA GLU A 387 14.03 1.02 20.50
C GLU A 387 13.50 1.52 21.84
N ASP A 388 14.19 2.51 22.43
CA ASP A 388 13.82 3.08 23.70
C ASP A 388 12.52 3.87 23.65
N LEU A 389 12.29 4.63 22.55
CA LEU A 389 11.02 5.37 22.38
C LEU A 389 9.85 4.38 22.28
N ILE A 390 10.03 3.26 21.54
CA ILE A 390 9.04 2.20 21.36
C ILE A 390 8.68 1.61 22.71
N ALA A 391 9.69 1.28 23.54
CA ALA A 391 9.48 0.72 24.88
C ALA A 391 8.65 1.66 25.72
N GLN A 392 8.92 3.00 25.62
CA GLN A 392 8.16 4.06 26.32
C GLN A 392 6.72 4.14 25.83
N ILE A 393 6.49 4.01 24.50
CA ILE A 393 5.16 4.11 23.90
C ILE A 393 4.29 2.90 24.19
N ARG A 394 4.90 1.69 24.17
CA ARG A 394 4.21 0.44 24.50
C ARG A 394 3.73 0.50 25.93
N GLU A 395 4.59 1.04 26.83
CA GLU A 395 4.32 1.24 28.25
C GLU A 395 3.12 2.15 28.42
N VAL A 396 3.10 3.29 27.71
CA VAL A 396 1.99 4.26 27.76
C VAL A 396 0.72 3.60 27.24
N PHE A 397 0.80 2.69 26.22
CA PHE A 397 -0.39 1.99 25.74
C PHE A 397 -1.01 1.13 26.87
N ILE A 398 -0.16 0.41 27.65
CA ILE A 398 -0.57 -0.42 28.77
C ILE A 398 -1.13 0.43 29.93
N GLN A 399 -0.39 1.45 30.36
CA GLN A 399 -0.80 2.37 31.43
C GLN A 399 -2.22 2.89 31.17
N THR A 400 -2.50 3.34 29.92
CA THR A 400 -3.77 3.91 29.42
C THR A 400 -4.95 2.95 29.55
N LEU A 401 -4.70 1.64 29.45
CA LEU A 401 -5.72 0.59 29.57
C LEU A 401 -6.55 0.78 30.83
N ASP A 402 -5.90 1.08 31.97
CA ASP A 402 -6.52 1.33 33.27
C ASP A 402 -7.53 2.49 33.26
N ASP A 403 -7.17 3.61 32.58
CA ASP A 403 -8.01 4.82 32.46
C ASP A 403 -9.22 4.61 31.54
N LEU A 404 -9.21 3.54 30.71
CA LEU A 404 -10.28 3.26 29.77
C LEU A 404 -11.52 2.65 30.44
N THR A 405 -12.56 3.47 30.60
CA THR A 405 -13.81 3.11 31.27
C THR A 405 -14.69 2.15 30.46
N TRP A 406 -14.55 2.17 29.13
CA TRP A 406 -15.35 1.37 28.20
C TRP A 406 -14.96 -0.09 28.02
N MET A 407 -13.92 -0.55 28.72
CA MET A 407 -13.47 -1.95 28.68
C MET A 407 -13.52 -2.53 30.06
N ASP A 408 -13.74 -3.84 30.17
CA ASP A 408 -13.75 -4.56 31.44
C ASP A 408 -12.35 -5.11 31.69
N ALA A 409 -12.02 -5.39 32.97
CA ALA A 409 -10.74 -5.90 33.45
C ALA A 409 -10.21 -7.12 32.63
N GLU A 410 -11.12 -8.04 32.26
CA GLU A 410 -10.84 -9.24 31.51
C GLU A 410 -10.33 -8.91 30.08
N THR A 411 -10.99 -7.96 29.39
CA THR A 411 -10.55 -7.55 28.04
C THR A 411 -9.25 -6.74 28.13
N LYS A 412 -9.12 -5.89 29.18
CA LYS A 412 -7.93 -5.07 29.44
C LYS A 412 -6.68 -5.91 29.65
N LYS A 413 -6.82 -7.05 30.36
CA LYS A 413 -5.73 -7.98 30.63
C LYS A 413 -5.27 -8.65 29.33
N ARG A 414 -6.20 -8.95 28.41
CA ARG A 414 -5.83 -9.55 27.13
C ARG A 414 -5.19 -8.54 26.18
N ALA A 415 -5.56 -7.24 26.29
CA ALA A 415 -4.99 -6.16 25.48
C ALA A 415 -3.53 -5.92 25.94
N GLU A 416 -3.27 -6.09 27.25
CA GLU A 416 -1.95 -6.02 27.87
C GLU A 416 -1.09 -7.14 27.27
N GLU A 417 -1.68 -8.36 27.13
CA GLU A 417 -1.04 -9.55 26.56
C GLU A 417 -0.63 -9.28 25.13
N LYS A 418 -1.56 -8.75 24.30
CA LYS A 418 -1.29 -8.42 22.90
C LYS A 418 -0.16 -7.42 22.77
N ALA A 419 -0.24 -6.30 23.51
CA ALA A 419 0.77 -5.23 23.51
C ALA A 419 2.18 -5.71 23.89
N LEU A 420 2.30 -6.46 25.02
CA LEU A 420 3.58 -7.03 25.49
C LEU A 420 4.23 -7.94 24.46
N ALA A 421 3.39 -8.68 23.69
CA ALA A 421 3.83 -9.59 22.63
C ALA A 421 4.21 -8.90 21.30
N ILE A 422 3.88 -7.61 21.12
CA ILE A 422 4.22 -6.92 19.85
C ILE A 422 5.73 -6.99 19.59
N LYS A 423 6.09 -7.53 18.40
CA LYS A 423 7.45 -7.67 17.92
C LYS A 423 7.88 -6.42 17.09
N GLU A 424 8.86 -5.64 17.58
CA GLU A 424 9.36 -4.43 16.91
C GLU A 424 10.57 -4.67 16.03
N ARG A 425 10.59 -4.00 14.87
CA ARG A 425 11.68 -4.08 13.89
C ARG A 425 12.08 -2.65 13.63
N ILE A 426 13.35 -2.32 13.92
CA ILE A 426 13.89 -0.97 13.81
C ILE A 426 15.05 -0.92 12.82
N GLY A 427 14.90 -0.04 11.82
CA GLY A 427 15.92 0.29 10.85
C GLY A 427 16.12 -0.69 9.71
N TYR A 428 16.81 -1.80 9.99
CA TYR A 428 17.14 -2.82 9.00
C TYR A 428 17.49 -4.15 9.68
N PRO A 429 17.29 -5.33 9.03
CA PRO A 429 17.73 -6.58 9.68
C PRO A 429 19.25 -6.70 9.57
N ASP A 430 19.94 -6.82 10.70
CA ASP A 430 21.42 -6.94 10.75
C ASP A 430 21.99 -7.83 9.64
N ASP A 431 21.39 -9.01 9.41
CA ASP A 431 21.73 -10.01 8.40
C ASP A 431 22.00 -9.48 7.00
N ILE A 432 21.34 -8.37 6.60
CA ILE A 432 21.52 -7.84 5.24
C ILE A 432 22.92 -7.29 5.01
N VAL A 433 23.57 -6.83 6.11
CA VAL A 433 24.93 -6.26 6.11
C VAL A 433 26.00 -7.30 6.47
N SER A 434 25.73 -8.13 7.49
CA SER A 434 26.66 -9.09 8.04
C SER A 434 26.69 -10.49 7.42
N ASN A 435 25.62 -10.91 6.73
CA ASN A 435 25.56 -12.24 6.15
C ASN A 435 25.48 -12.21 4.61
N ASP A 436 26.64 -12.33 3.96
CA ASP A 436 26.75 -12.28 2.51
C ASP A 436 26.12 -13.47 1.78
N ASN A 437 26.36 -14.74 2.24
CA ASN A 437 25.72 -15.92 1.60
C ASN A 437 24.23 -15.81 1.62
N LYS A 438 23.64 -15.53 2.82
CA LYS A 438 22.19 -15.43 2.95
C LYS A 438 21.60 -14.48 1.90
N LEU A 439 22.20 -13.29 1.78
CA LEU A 439 21.83 -12.23 0.83
C LEU A 439 22.01 -12.69 -0.61
N ASN A 440 23.14 -13.33 -0.92
CA ASN A 440 23.42 -13.90 -2.24
C ASN A 440 22.44 -15.04 -2.62
N ASN A 441 22.08 -15.90 -1.66
CA ASN A 441 21.19 -17.06 -1.89
C ASN A 441 19.75 -16.70 -2.17
N GLU A 442 19.30 -15.57 -1.62
CA GLU A 442 17.97 -15.05 -1.81
C GLU A 442 17.76 -14.63 -3.30
N TYR A 443 18.83 -14.35 -4.03
CA TYR A 443 18.76 -13.94 -5.44
C TYR A 443 19.46 -14.89 -6.40
N LEU A 444 19.95 -16.02 -5.89
CA LEU A 444 20.67 -17.10 -6.60
C LEU A 444 20.03 -17.51 -7.91
N GLU A 445 18.70 -17.65 -7.90
CA GLU A 445 17.90 -18.07 -9.05
C GLU A 445 17.69 -16.96 -10.09
N LEU A 446 18.11 -15.72 -9.77
CA LEU A 446 17.97 -14.60 -10.69
C LEU A 446 19.27 -14.40 -11.43
N ASN A 447 19.20 -14.17 -12.75
CA ASN A 447 20.36 -13.93 -13.62
C ASN A 447 19.95 -12.86 -14.61
N TYR A 448 20.41 -11.61 -14.40
CA TYR A 448 19.99 -10.50 -15.26
C TYR A 448 20.91 -10.21 -16.43
N LYS A 449 20.32 -9.87 -17.60
CA LYS A 449 21.06 -9.49 -18.80
C LYS A 449 20.92 -7.97 -18.89
N GLU A 450 22.01 -7.25 -19.05
CA GLU A 450 21.94 -5.78 -19.11
C GLU A 450 21.23 -5.17 -20.35
N ASP A 451 21.11 -5.94 -21.44
CA ASP A 451 20.42 -5.45 -22.63
C ASP A 451 18.99 -5.99 -22.68
N GLU A 452 18.57 -6.74 -21.66
CA GLU A 452 17.27 -7.40 -21.70
C GLU A 452 16.37 -7.04 -20.54
N TYR A 453 15.92 -5.76 -20.49
CA TYR A 453 15.06 -5.25 -19.40
C TYR A 453 13.74 -5.98 -19.24
N PHE A 454 13.00 -6.20 -20.34
CA PHE A 454 11.71 -6.91 -20.33
C PHE A 454 11.83 -8.33 -19.78
N GLU A 455 12.86 -9.08 -20.21
CA GLU A 455 13.16 -10.44 -19.74
C GLU A 455 13.48 -10.40 -18.24
N ASN A 456 14.16 -9.33 -17.80
CA ASN A 456 14.51 -9.10 -16.40
C ASN A 456 13.23 -8.88 -15.58
N ILE A 457 12.28 -8.05 -16.08
CA ILE A 457 11.01 -7.85 -15.38
C ILE A 457 10.14 -9.14 -15.32
N ILE A 458 10.12 -9.91 -16.42
CA ILE A 458 9.39 -11.16 -16.56
C ILE A 458 9.97 -12.21 -15.61
N GLN A 459 11.32 -12.32 -15.55
CA GLN A 459 12.01 -13.21 -14.59
C GLN A 459 11.57 -12.90 -13.13
N ASN A 460 11.54 -11.59 -12.74
CA ASN A 460 11.10 -11.14 -11.41
C ASN A 460 9.65 -11.52 -11.11
N LEU A 461 8.74 -11.45 -12.10
CA LEU A 461 7.32 -11.83 -11.92
C LEU A 461 7.19 -13.34 -11.57
N LYS A 462 7.81 -14.23 -12.39
CA LYS A 462 7.83 -15.69 -12.23
C LYS A 462 8.47 -16.10 -10.90
N PHE A 463 9.61 -15.48 -10.53
CA PHE A 463 10.36 -15.73 -9.30
C PHE A 463 9.56 -15.37 -8.04
N SER A 464 8.96 -14.19 -7.99
CA SER A 464 8.16 -13.74 -6.86
C SER A 464 6.91 -14.60 -6.69
N GLN A 465 6.33 -15.07 -7.82
CA GLN A 465 5.16 -15.95 -7.85
C GLN A 465 5.47 -17.39 -7.40
N SER A 466 6.63 -17.93 -7.80
CA SER A 466 7.14 -19.26 -7.41
C SER A 466 7.45 -19.23 -5.91
N LYS A 467 8.07 -18.12 -5.43
CA LYS A 467 8.41 -17.90 -4.03
C LYS A 467 7.17 -18.00 -3.17
N GLN A 468 6.08 -17.30 -3.57
CA GLN A 468 4.84 -17.29 -2.84
C GLN A 468 4.08 -18.62 -2.89
N LEU A 469 4.02 -19.28 -4.05
CA LEU A 469 3.33 -20.56 -4.21
C LEU A 469 3.98 -21.70 -3.42
N LYS A 470 5.32 -21.74 -3.37
CA LYS A 470 6.11 -22.75 -2.66
C LYS A 470 5.90 -22.72 -1.15
N LYS A 471 5.37 -21.62 -0.60
CA LYS A 471 5.12 -21.43 0.83
C LYS A 471 3.95 -22.25 1.39
N LEU A 472 3.08 -22.81 0.53
CA LEU A 472 1.89 -23.58 0.94
C LEU A 472 2.07 -24.58 2.08
N ARG A 473 3.06 -25.50 1.97
CA ARG A 473 3.32 -26.52 2.99
C ARG A 473 4.38 -26.05 3.96
N GLU A 474 4.95 -24.89 3.67
CA GLU A 474 5.97 -24.32 4.52
C GLU A 474 5.38 -23.52 5.68
N LYS A 475 6.15 -23.34 6.72
CA LYS A 475 5.73 -22.58 7.88
C LYS A 475 6.11 -21.11 7.71
N VAL A 476 5.43 -20.20 8.42
CA VAL A 476 5.71 -18.78 8.35
C VAL A 476 7.02 -18.53 9.13
N ASP A 477 7.99 -17.87 8.44
CA ASP A 477 9.29 -17.52 8.99
C ASP A 477 9.11 -16.32 9.91
N LYS A 478 9.36 -16.54 11.21
CA LYS A 478 9.24 -15.54 12.27
C LYS A 478 10.23 -14.38 12.13
N ASP A 479 11.39 -14.64 11.52
CA ASP A 479 12.44 -13.64 11.34
C ASP A 479 12.26 -12.70 10.12
N GLU A 480 11.24 -12.94 9.27
CA GLU A 480 10.96 -12.13 8.09
C GLU A 480 10.45 -10.73 8.42
N TRP A 481 11.02 -9.72 7.77
CA TRP A 481 10.62 -8.32 7.92
C TRP A 481 9.57 -8.02 6.88
N ILE A 482 8.48 -7.34 7.27
CA ILE A 482 7.37 -6.98 6.38
C ILE A 482 7.70 -5.80 5.43
N SER A 483 8.93 -5.23 5.55
CA SER A 483 9.38 -4.14 4.70
C SER A 483 10.88 -4.09 4.61
N GLY A 484 11.35 -3.57 3.47
CA GLY A 484 12.76 -3.25 3.27
C GLY A 484 13.07 -1.99 4.06
N ALA A 485 14.35 -1.68 4.24
CA ALA A 485 14.83 -0.51 5.00
C ALA A 485 14.77 0.79 4.21
N ALA A 486 14.96 0.74 2.88
CA ALA A 486 14.94 1.93 2.02
C ALA A 486 13.50 2.30 1.67
N VAL A 487 12.71 2.60 2.71
CA VAL A 487 11.27 2.92 2.62
C VAL A 487 10.97 4.07 3.60
N VAL A 488 10.24 5.11 3.13
CA VAL A 488 9.82 6.21 4.01
C VAL A 488 8.38 5.89 4.40
N ASN A 489 8.24 5.02 5.39
CA ASN A 489 6.95 4.55 5.89
C ASN A 489 7.15 3.67 7.10
N ALA A 490 6.06 3.31 7.79
CA ALA A 490 6.10 2.38 8.92
C ALA A 490 4.92 1.42 8.74
N PHE A 491 5.00 0.23 9.39
CA PHE A 491 3.96 -0.79 9.17
C PHE A 491 3.58 -1.57 10.40
N TYR A 492 2.46 -2.28 10.32
CA TYR A 492 1.97 -3.22 11.32
C TYR A 492 1.44 -4.47 10.61
N SER A 493 1.84 -5.68 11.07
CA SER A 493 1.30 -6.93 10.53
C SER A 493 0.47 -7.57 11.62
N SER A 494 -0.81 -7.83 11.32
CA SER A 494 -1.79 -8.47 12.20
C SER A 494 -1.38 -9.92 12.45
N GLY A 495 -1.02 -10.62 11.37
CA GLY A 495 -0.63 -12.02 11.36
C GLY A 495 0.66 -12.32 12.10
N ARG A 496 1.55 -11.34 12.19
CA ARG A 496 2.83 -11.50 12.85
C ARG A 496 2.86 -10.76 14.16
N ASN A 497 1.83 -9.90 14.40
CA ASN A 497 1.71 -8.99 15.57
C ASN A 497 3.02 -8.17 15.64
N GLN A 498 3.42 -7.58 14.50
CA GLN A 498 4.69 -6.86 14.40
C GLN A 498 4.62 -5.41 13.90
N ILE A 499 5.37 -4.53 14.54
CA ILE A 499 5.52 -3.11 14.17
C ILE A 499 6.92 -2.88 13.51
N VAL A 500 6.96 -2.23 12.34
CA VAL A 500 8.23 -2.01 11.60
C VAL A 500 8.51 -0.54 11.37
N PHE A 501 9.76 -0.12 11.66
CA PHE A 501 10.22 1.25 11.45
C PHE A 501 11.47 1.23 10.60
N PRO A 502 11.30 1.10 9.25
CA PRO A 502 12.48 1.10 8.34
C PRO A 502 13.33 2.36 8.54
N ALA A 503 14.65 2.22 8.29
CA ALA A 503 15.65 3.29 8.40
C ALA A 503 15.24 4.57 7.65
N GLY A 504 14.53 4.41 6.52
CA GLY A 504 14.00 5.49 5.67
C GLY A 504 13.10 6.53 6.36
N ILE A 505 12.27 6.13 7.35
CA ILE A 505 11.40 7.04 8.13
C ILE A 505 12.11 7.58 9.41
N LEU A 506 13.29 7.08 9.73
CA LEU A 506 13.99 7.47 10.95
C LEU A 506 14.94 8.65 10.69
N GLN A 507 14.37 9.75 10.21
CA GLN A 507 15.08 10.97 9.84
C GLN A 507 14.15 12.17 10.04
N PRO A 508 14.66 13.43 10.12
CA PRO A 508 13.76 14.58 10.28
C PRO A 508 12.70 14.70 9.16
N PRO A 509 11.47 15.21 9.44
CA PRO A 509 11.00 15.78 10.71
C PRO A 509 10.55 14.76 11.79
N PHE A 510 10.55 13.46 11.43
CA PHE A 510 10.09 12.39 12.31
C PHE A 510 11.01 12.19 13.46
N PHE A 511 12.31 12.00 13.17
CA PHE A 511 13.28 11.70 14.19
C PHE A 511 14.70 12.20 13.92
N SER A 512 15.39 12.55 14.99
CA SER A 512 16.81 12.87 15.06
C SER A 512 17.18 12.86 16.54
N ALA A 513 18.29 12.17 16.87
CA ALA A 513 18.82 12.12 18.24
C ALA A 513 19.39 13.50 18.64
N GLN A 514 19.46 14.44 17.69
CA GLN A 514 19.97 15.79 17.94
C GLN A 514 18.86 16.86 17.94
N GLN A 515 17.66 16.56 17.38
CA GLN A 515 16.53 17.50 17.43
C GLN A 515 15.78 17.37 18.77
N SER A 516 14.98 18.37 19.14
CA SER A 516 14.21 18.39 20.40
C SER A 516 13.29 17.17 20.50
N ASN A 517 13.07 16.67 21.71
CA ASN A 517 12.20 15.52 22.02
C ASN A 517 10.75 15.79 21.72
N SER A 518 10.32 17.06 21.84
CA SER A 518 8.93 17.45 21.50
C SER A 518 8.66 17.08 20.03
N LEU A 519 9.68 17.33 19.18
CA LEU A 519 9.67 17.09 17.74
C LEU A 519 9.71 15.58 17.43
N ASN A 520 10.54 14.82 18.17
CA ASN A 520 10.67 13.37 18.06
C ASN A 520 9.41 12.64 18.49
N TYR A 521 8.82 13.04 19.63
CA TYR A 521 7.59 12.43 20.14
C TYR A 521 6.39 12.79 19.24
N GLY A 522 6.32 14.04 18.80
CA GLY A 522 5.30 14.48 17.86
C GLY A 522 5.41 13.88 16.47
N GLY A 523 6.61 13.45 16.09
CA GLY A 523 6.88 12.85 14.79
C GLY A 523 6.89 11.35 14.85
N ILE A 524 8.06 10.75 15.05
CA ILE A 524 8.21 9.28 15.14
C ILE A 524 7.41 8.64 16.28
N GLY A 525 7.30 9.34 17.42
CA GLY A 525 6.51 8.90 18.57
C GLY A 525 5.06 8.62 18.16
N MET A 526 4.43 9.60 17.49
CA MET A 526 3.05 9.51 16.94
C MET A 526 2.95 8.28 15.99
N VAL A 527 4.00 8.11 15.15
CA VAL A 527 4.10 7.03 14.15
C VAL A 527 4.23 5.65 14.83
N ILE A 528 4.97 5.57 15.95
CA ILE A 528 5.10 4.34 16.75
C ILE A 528 3.73 4.00 17.36
N GLY A 529 3.09 5.02 17.92
CA GLY A 529 1.76 4.92 18.50
C GLY A 529 0.72 4.43 17.49
N HIS A 530 0.76 5.01 16.26
CA HIS A 530 -0.11 4.67 15.11
C HIS A 530 0.02 3.16 14.82
N GLU A 531 1.28 2.66 14.71
CA GLU A 531 1.53 1.23 14.43
C GLU A 531 1.11 0.29 15.54
N ILE A 532 1.35 0.67 16.81
CA ILE A 532 0.88 -0.11 17.96
C ILE A 532 -0.68 -0.13 17.96
N THR A 533 -1.34 1.04 17.80
CA THR A 533 -2.81 1.15 17.75
C THR A 533 -3.46 0.30 16.64
N HIS A 534 -2.70 0.00 15.56
CA HIS A 534 -3.23 -0.84 14.48
C HIS A 534 -3.54 -2.25 14.97
N GLY A 535 -2.84 -2.64 16.04
CA GLY A 535 -3.03 -3.93 16.69
C GLY A 535 -4.34 -4.00 17.43
N PHE A 536 -4.97 -2.83 17.63
CA PHE A 536 -6.19 -2.66 18.41
C PHE A 536 -7.31 -1.87 17.69
N ASP A 537 -7.16 -1.68 16.35
CA ASP A 537 -8.20 -1.02 15.54
C ASP A 537 -9.33 -2.02 15.20
N ASP A 538 -10.34 -1.58 14.45
CA ASP A 538 -11.49 -2.39 14.03
C ASP A 538 -11.11 -3.67 13.27
N ASN A 539 -9.85 -3.78 12.79
CA ASN A 539 -9.36 -5.00 12.13
C ASN A 539 -8.40 -5.75 13.08
N GLY A 540 -7.35 -5.06 13.53
CA GLY A 540 -6.32 -5.61 14.41
C GLY A 540 -6.81 -6.22 15.71
N ARG A 541 -7.81 -5.60 16.37
CA ARG A 541 -8.41 -6.07 17.63
C ARG A 541 -8.90 -7.53 17.57
N ASN A 542 -9.15 -8.04 16.33
CA ASN A 542 -9.63 -9.38 16.03
C ASN A 542 -8.53 -10.46 16.05
N PHE A 543 -7.26 -10.04 16.14
CA PHE A 543 -6.11 -10.95 16.15
C PHE A 543 -5.47 -10.92 17.53
N ASN A 544 -5.06 -12.11 18.03
CA ASN A 544 -4.43 -12.24 19.35
C ASN A 544 -2.92 -11.95 19.31
N LYS A 545 -2.22 -12.19 20.44
CA LYS A 545 -0.77 -11.98 20.64
C LYS A 545 0.08 -12.73 19.62
N ASP A 546 -0.45 -13.84 19.07
CA ASP A 546 0.21 -14.74 18.12
C ASP A 546 -0.16 -14.50 16.68
N GLY A 547 -1.00 -13.49 16.44
CA GLY A 547 -1.46 -13.15 15.10
C GLY A 547 -2.62 -13.98 14.58
N ASP A 548 -3.34 -14.71 15.47
CA ASP A 548 -4.48 -15.57 15.09
C ASP A 548 -5.82 -14.84 15.21
N LEU A 549 -6.67 -14.95 14.17
CA LEU A 549 -8.02 -14.39 14.10
C LEU A 549 -8.91 -15.13 15.14
N VAL A 550 -8.85 -14.67 16.39
CA VAL A 550 -9.60 -15.30 17.47
C VAL A 550 -10.22 -14.21 18.36
N ASP A 551 -11.48 -14.42 18.80
CA ASP A 551 -12.18 -13.43 19.64
C ASP A 551 -11.61 -13.43 21.07
N TRP A 552 -11.08 -12.28 21.50
CA TRP A 552 -10.52 -12.11 22.84
C TRP A 552 -11.23 -10.98 23.59
N TRP A 553 -12.35 -10.53 23.01
CA TRP A 553 -13.16 -9.45 23.54
C TRP A 553 -14.41 -10.00 24.19
N THR A 554 -14.87 -9.35 25.28
CA THR A 554 -16.14 -9.76 25.87
C THR A 554 -17.17 -9.05 25.05
N GLN A 555 -18.38 -9.63 24.94
CA GLN A 555 -19.51 -9.08 24.19
C GLN A 555 -19.70 -7.59 24.44
N GLN A 556 -19.62 -7.16 25.72
CA GLN A 556 -19.76 -5.77 26.13
C GLN A 556 -18.63 -4.88 25.62
N SER A 557 -17.37 -5.25 25.89
CA SER A 557 -16.19 -4.49 25.48
C SER A 557 -16.13 -4.34 23.98
N ALA A 558 -16.56 -5.40 23.24
CA ALA A 558 -16.63 -5.43 21.79
C ALA A 558 -17.68 -4.44 21.28
N SER A 559 -18.88 -4.42 21.92
CA SER A 559 -19.99 -3.51 21.59
C SER A 559 -19.56 -2.09 21.91
N ASN A 560 -18.80 -1.90 23.01
CA ASN A 560 -18.29 -0.60 23.41
C ASN A 560 -17.26 -0.08 22.42
N PHE A 561 -16.40 -0.99 21.89
CA PHE A 561 -15.40 -0.65 20.87
C PHE A 561 -16.13 -0.01 19.68
N LYS A 562 -17.16 -0.72 19.18
CA LYS A 562 -18.01 -0.31 18.06
C LYS A 562 -18.71 1.03 18.34
N GLU A 563 -19.21 1.22 19.57
CA GLU A 563 -19.88 2.45 20.04
C GLU A 563 -18.90 3.63 20.02
N GLN A 564 -17.71 3.45 20.66
CA GLN A 564 -16.62 4.44 20.74
C GLN A 564 -16.14 4.83 19.34
N SER A 565 -15.95 3.84 18.46
CA SER A 565 -15.51 4.02 17.06
C SER A 565 -16.48 4.81 16.18
N GLN A 566 -17.80 4.51 16.29
CA GLN A 566 -18.89 5.14 15.53
C GLN A 566 -18.82 6.67 15.52
N CYS A 567 -18.32 7.24 16.62
CA CYS A 567 -18.10 8.67 16.77
C CYS A 567 -17.13 9.20 15.68
N MET A 568 -16.03 8.44 15.41
CA MET A 568 -15.03 8.78 14.39
C MET A 568 -15.54 8.55 12.99
N VAL A 569 -16.44 7.56 12.81
CA VAL A 569 -17.10 7.24 11.54
C VAL A 569 -17.90 8.47 11.10
N TYR A 570 -18.62 9.09 12.04
CA TYR A 570 -19.42 10.29 11.79
C TYR A 570 -18.58 11.55 11.61
N GLN A 571 -17.58 11.76 12.49
CA GLN A 571 -16.68 12.91 12.44
C GLN A 571 -16.00 13.03 11.08
N TYR A 572 -15.33 11.96 10.65
CA TYR A 572 -14.61 11.91 9.38
C TYR A 572 -15.51 11.84 8.13
N GLY A 573 -16.65 11.13 8.23
CA GLY A 573 -17.63 11.04 7.16
C GLY A 573 -18.25 12.40 6.88
N ASN A 574 -18.15 13.31 7.88
CA ASN A 574 -18.68 14.68 7.82
C ASN A 574 -17.72 15.69 7.20
N PHE A 575 -16.42 15.28 6.98
CA PHE A 575 -15.40 16.11 6.31
C PHE A 575 -15.62 16.08 4.80
N SER A 576 -15.77 17.28 4.23
CA SER A 576 -15.97 17.45 2.80
C SER A 576 -14.62 17.83 2.18
N TRP A 577 -14.22 17.12 1.11
CA TRP A 577 -12.93 17.32 0.44
C TRP A 577 -13.07 18.10 -0.86
N ASP A 578 -12.62 19.36 -0.84
CA ASP A 578 -12.68 20.32 -1.93
C ASP A 578 -11.96 19.82 -3.20
N LEU A 579 -10.80 19.17 -3.01
CA LEU A 579 -9.98 18.57 -4.08
C LEU A 579 -10.68 17.36 -4.74
N ALA A 580 -11.52 16.64 -3.98
CA ALA A 580 -12.28 15.51 -4.49
C ALA A 580 -13.66 15.95 -4.98
N GLY A 581 -13.83 17.27 -5.17
CA GLY A 581 -15.04 17.91 -5.64
C GLY A 581 -16.15 18.09 -4.62
N GLY A 582 -15.78 18.39 -3.37
CA GLY A 582 -16.73 18.58 -2.29
C GLY A 582 -17.25 17.28 -1.68
N GLN A 583 -16.81 16.14 -2.23
CA GLN A 583 -17.14 14.80 -1.77
C GLN A 583 -16.69 14.56 -0.34
N HIS A 584 -17.50 13.80 0.40
CA HIS A 584 -17.23 13.44 1.79
C HIS A 584 -16.32 12.21 1.88
N LEU A 585 -15.53 12.15 2.95
CA LEU A 585 -14.62 11.03 3.16
C LEU A 585 -15.41 9.81 3.52
N ASN A 586 -14.87 8.62 3.23
CA ASN A 586 -15.54 7.43 3.67
C ASN A 586 -15.12 7.22 5.13
N GLY A 587 -16.06 7.45 6.05
CA GLY A 587 -15.85 7.35 7.49
C GLY A 587 -15.64 5.93 7.97
N ILE A 588 -16.16 4.96 7.18
CA ILE A 588 -16.07 3.52 7.44
C ILE A 588 -14.71 3.00 6.92
N ASN A 589 -14.37 3.30 5.67
CA ASN A 589 -13.08 2.88 5.08
C ASN A 589 -11.85 3.48 5.75
N THR A 590 -11.95 4.73 6.20
CA THR A 590 -10.84 5.40 6.88
C THR A 590 -10.82 5.15 8.40
N LEU A 591 -11.82 4.42 8.95
CA LEU A 591 -11.88 4.18 10.40
C LEU A 591 -10.60 3.67 11.10
N GLY A 592 -10.08 2.53 10.63
CA GLY A 592 -8.86 1.90 11.17
C GLY A 592 -7.73 2.89 11.35
N GLU A 593 -7.41 3.66 10.28
CA GLU A 593 -6.36 4.68 10.22
C GLU A 593 -6.59 5.87 11.14
N ASN A 594 -7.85 6.32 11.24
CA ASN A 594 -8.31 7.41 12.09
C ASN A 594 -8.18 7.05 13.57
N ILE A 595 -8.46 5.80 13.93
CA ILE A 595 -8.30 5.26 15.29
C ILE A 595 -6.80 5.32 15.62
N ALA A 596 -5.96 4.79 14.70
CA ALA A 596 -4.49 4.75 14.78
C ALA A 596 -3.87 6.15 14.96
N ASP A 597 -4.32 7.15 14.17
CA ASP A 597 -3.88 8.54 14.25
C ASP A 597 -4.18 9.17 15.61
N ASN A 598 -5.44 9.01 16.12
CA ASN A 598 -5.96 9.59 17.37
C ASN A 598 -5.35 8.92 18.60
N GLY A 599 -5.28 7.58 18.58
CA GLY A 599 -4.64 6.81 19.65
C GLY A 599 -3.16 7.14 19.69
N GLY A 600 -2.50 6.95 18.54
CA GLY A 600 -1.09 7.20 18.33
C GLY A 600 -0.62 8.54 18.79
N LEU A 601 -1.29 9.63 18.39
CA LEU A 601 -0.87 10.95 18.91
C LEU A 601 -1.06 11.12 20.45
N GLY A 602 -2.15 10.58 21.01
CA GLY A 602 -2.39 10.67 22.45
C GLY A 602 -1.34 9.92 23.24
N GLN A 603 -0.98 8.72 22.79
CA GLN A 603 0.06 7.88 23.41
C GLN A 603 1.45 8.58 23.37
N ALA A 604 1.78 9.19 22.21
CA ALA A 604 3.02 9.93 22.01
C ALA A 604 3.11 11.14 22.97
N TYR A 605 2.00 11.88 23.09
CA TYR A 605 1.91 13.05 23.96
C TYR A 605 2.12 12.69 25.43
N ARG A 606 1.46 11.61 25.91
CA ARG A 606 1.59 11.13 27.29
C ARG A 606 3.02 10.68 27.57
N ALA A 607 3.69 10.03 26.58
CA ALA A 607 5.09 9.61 26.70
C ALA A 607 5.97 10.87 26.77
N TYR A 608 5.65 11.91 25.99
CA TYR A 608 6.39 13.18 26.06
C TYR A 608 6.22 13.86 27.44
N GLN A 609 5.00 13.81 28.01
CA GLN A 609 4.65 14.34 29.33
C GLN A 609 5.42 13.62 30.44
N ASN A 610 5.59 12.29 30.31
CA ASN A 610 6.34 11.44 31.22
C ASN A 610 7.83 11.72 31.07
N TYR A 611 8.29 12.03 29.84
CA TYR A 611 9.67 12.40 29.55
C TYR A 611 10.02 13.69 30.32
N ILE A 612 9.14 14.72 30.27
CA ILE A 612 9.30 16.01 30.96
C ILE A 612 9.30 15.80 32.49
N LYS A 613 8.35 15.02 33.03
CA LYS A 613 8.22 14.73 34.45
C LYS A 613 9.56 14.21 35.01
N LYS A 614 10.16 13.27 34.29
CA LYS A 614 11.43 12.64 34.61
C LYS A 614 12.64 13.55 34.35
N ASN A 615 12.69 14.24 33.18
CA ASN A 615 13.88 14.98 32.77
C ASN A 615 13.86 16.52 32.83
N GLY A 616 12.71 17.09 33.15
CA GLY A 616 12.58 18.53 33.17
C GLY A 616 12.35 19.08 31.79
N GLU A 617 12.04 20.39 31.72
CA GLU A 617 11.75 21.08 30.47
C GLU A 617 12.96 21.12 29.57
N GLU A 618 12.72 21.21 28.25
CA GLU A 618 13.74 21.30 27.20
C GLU A 618 14.01 22.75 26.89
N LYS A 619 15.22 23.05 26.38
CA LYS A 619 15.59 24.38 25.95
C LYS A 619 14.73 24.77 24.76
N LEU A 620 14.17 25.98 24.81
CA LEU A 620 13.28 26.51 23.79
C LEU A 620 13.99 26.72 22.45
N LEU A 621 13.23 26.61 21.33
CA LEU A 621 13.78 26.76 19.98
C LEU A 621 13.95 28.21 19.58
N PRO A 622 15.07 28.58 18.93
CA PRO A 622 15.22 29.99 18.51
C PRO A 622 14.28 30.36 17.36
N GLY A 623 13.79 31.60 17.38
CA GLY A 623 12.91 32.15 16.35
C GLY A 623 11.46 31.74 16.43
N LEU A 624 11.11 30.91 17.41
CA LEU A 624 9.75 30.44 17.60
C LEU A 624 9.22 30.93 18.93
N ASP A 625 8.01 31.53 18.93
CA ASP A 625 7.36 32.02 20.15
C ASP A 625 6.36 30.95 20.57
N LEU A 626 6.84 29.69 20.56
CA LEU A 626 6.08 28.49 20.91
C LEU A 626 6.82 27.71 21.99
N ASN A 627 6.10 27.20 22.97
CA ASN A 627 6.73 26.35 23.97
C ASN A 627 6.83 24.94 23.38
N HIS A 628 7.43 24.02 24.11
CA HIS A 628 7.59 22.67 23.62
C HIS A 628 6.34 21.83 23.42
N LYS A 629 5.27 22.04 24.25
CA LYS A 629 4.01 21.32 24.07
C LYS A 629 3.38 21.69 22.74
N GLN A 630 3.47 22.98 22.37
CA GLN A 630 2.97 23.55 21.13
C GLN A 630 3.79 23.00 19.95
N LEU A 631 5.13 22.91 20.10
CA LEU A 631 6.04 22.40 19.08
C LEU A 631 5.75 20.93 18.76
N PHE A 632 5.29 20.17 19.80
CA PHE A 632 4.89 18.77 19.68
C PHE A 632 3.80 18.66 18.60
N PHE A 633 2.71 19.47 18.71
CA PHE A 633 1.58 19.53 17.79
C PHE A 633 1.96 20.17 16.47
N LEU A 634 2.89 21.14 16.49
CA LEU A 634 3.36 21.76 15.25
C LEU A 634 4.07 20.70 14.43
N ASN A 635 4.97 19.92 15.06
CA ASN A 635 5.71 18.89 14.32
C ASN A 635 4.85 17.73 13.82
N PHE A 636 3.91 17.25 14.66
CA PHE A 636 2.95 16.23 14.22
C PHE A 636 2.22 16.69 12.95
N ALA A 637 1.71 17.93 12.93
CA ALA A 637 0.99 18.50 11.81
C ALA A 637 1.90 18.65 10.55
N GLN A 638 3.17 19.08 10.73
CA GLN A 638 4.10 19.21 9.62
C GLN A 638 4.48 17.90 8.91
N VAL A 639 4.24 16.77 9.60
CA VAL A 639 4.46 15.43 9.04
C VAL A 639 3.49 15.21 7.88
N TRP A 640 2.32 15.89 7.94
CA TRP A 640 1.22 15.81 6.98
C TRP A 640 1.08 16.98 6.03
N CYS A 641 2.05 17.92 6.01
CA CYS A 641 2.08 19.01 5.03
C CYS A 641 2.00 18.37 3.66
N GLY A 642 1.06 18.83 2.85
CA GLY A 642 0.87 18.30 1.51
C GLY A 642 -0.41 18.71 0.86
N THR A 643 -0.48 18.42 -0.43
CA THR A 643 -1.63 18.70 -1.30
C THR A 643 -1.73 17.60 -2.36
N TYR A 644 -2.90 17.51 -3.01
CA TYR A 644 -3.25 16.47 -3.97
C TYR A 644 -3.73 17.09 -5.28
N ARG A 645 -3.53 16.39 -6.41
CA ARG A 645 -4.08 16.80 -7.69
C ARG A 645 -5.58 16.43 -7.65
N PRO A 646 -6.51 17.23 -8.25
CA PRO A 646 -7.95 16.85 -8.22
C PRO A 646 -8.26 15.41 -8.65
N GLU A 647 -7.64 14.94 -9.76
CA GLU A 647 -7.89 13.57 -10.27
C GLU A 647 -7.45 12.51 -9.26
N TYR A 648 -6.28 12.73 -8.63
CA TYR A 648 -5.77 11.80 -7.60
C TYR A 648 -6.58 11.83 -6.29
N ALA A 649 -7.14 13.01 -5.95
CA ALA A 649 -8.03 13.21 -4.81
C ALA A 649 -9.32 12.39 -4.98
N VAL A 650 -9.86 12.33 -6.24
CA VAL A 650 -11.04 11.57 -6.66
C VAL A 650 -10.78 10.06 -6.54
N ASN A 651 -9.51 9.66 -6.75
CA ASN A 651 -9.00 8.30 -6.68
C ASN A 651 -8.83 7.88 -5.22
N SER A 652 -8.03 8.65 -4.44
CA SER A 652 -7.70 8.35 -3.04
C SER A 652 -8.88 8.29 -2.06
N ILE A 653 -9.93 9.11 -2.28
CA ILE A 653 -11.13 9.13 -1.44
C ILE A 653 -11.83 7.75 -1.52
N LYS A 654 -11.68 7.10 -2.65
CA LYS A 654 -12.23 5.79 -2.94
C LYS A 654 -11.29 4.62 -2.62
N THR A 655 -9.98 4.80 -2.84
CA THR A 655 -9.03 3.69 -2.72
C THR A 655 -8.16 3.63 -1.47
N ASP A 656 -7.82 4.79 -0.93
CA ASP A 656 -6.95 4.91 0.21
C ASP A 656 -7.78 4.79 1.49
N VAL A 657 -7.25 4.01 2.46
CA VAL A 657 -7.83 3.77 3.78
C VAL A 657 -7.46 4.87 4.76
N HIS A 658 -6.59 5.80 4.35
CA HIS A 658 -6.17 6.92 5.20
C HIS A 658 -6.98 8.16 4.86
N SER A 659 -7.24 9.02 5.85
CA SER A 659 -7.86 10.30 5.51
C SER A 659 -6.78 11.15 4.79
N PRO A 660 -7.14 12.19 4.01
CA PRO A 660 -6.08 13.04 3.42
C PRO A 660 -5.35 13.73 4.57
N GLY A 661 -4.09 14.12 4.34
CA GLY A 661 -3.24 14.72 5.36
C GLY A 661 -3.86 15.83 6.19
N ASN A 662 -4.56 16.76 5.52
CA ASN A 662 -5.21 17.90 6.20
C ASN A 662 -6.26 17.47 7.19
N PHE A 663 -7.07 16.46 6.84
CA PHE A 663 -8.12 15.92 7.72
C PHE A 663 -7.56 15.00 8.78
N ARG A 664 -6.37 14.41 8.56
CA ARG A 664 -5.73 13.61 9.61
C ARG A 664 -5.31 14.60 10.71
N ILE A 665 -4.89 15.82 10.33
CA ILE A 665 -4.49 16.92 11.25
C ILE A 665 -5.74 17.48 11.97
N ILE A 666 -6.75 17.96 11.23
CA ILE A 666 -7.97 18.54 11.78
C ILE A 666 -8.78 17.54 12.65
N GLY A 667 -9.04 16.36 12.13
CA GLY A 667 -9.76 15.33 12.88
C GLY A 667 -9.14 14.96 14.22
N THR A 668 -7.82 14.69 14.22
CA THR A 668 -7.06 14.27 15.41
C THR A 668 -6.98 15.36 16.48
N LEU A 669 -6.67 16.57 16.05
CA LEU A 669 -6.53 17.70 16.96
C LEU A 669 -7.86 18.18 17.50
N GLN A 670 -8.99 17.96 16.74
CA GLN A 670 -10.36 18.28 17.19
C GLN A 670 -10.75 17.47 18.42
N ASN A 671 -10.29 16.20 18.46
CA ASN A 671 -10.52 15.20 19.52
C ASN A 671 -9.53 15.30 20.65
N SER A 672 -8.48 16.12 20.48
CA SER A 672 -7.40 16.30 21.47
C SER A 672 -7.63 17.54 22.35
N ALA A 673 -7.91 17.30 23.64
CA ALA A 673 -8.11 18.30 24.69
C ALA A 673 -6.75 18.92 25.02
N GLU A 674 -5.69 18.09 24.97
CA GLU A 674 -4.29 18.47 25.20
C GLU A 674 -3.83 19.53 24.18
N PHE A 675 -4.27 19.41 22.93
CA PHE A 675 -4.00 20.37 21.86
C PHE A 675 -4.65 21.74 22.14
N SER A 676 -5.95 21.74 22.45
CA SER A 676 -6.70 22.96 22.74
C SER A 676 -6.18 23.62 23.99
N GLU A 677 -5.69 22.81 24.96
CA GLU A 677 -5.04 23.26 26.19
C GLU A 677 -3.74 23.98 25.78
N ALA A 678 -2.88 23.31 24.98
CA ALA A 678 -1.60 23.88 24.53
C ALA A 678 -1.78 25.12 23.69
N PHE A 679 -2.85 25.20 22.88
CA PHE A 679 -3.04 26.39 22.05
C PHE A 679 -4.10 27.37 22.57
N HIS A 680 -4.61 27.11 23.81
CA HIS A 680 -5.61 27.94 24.52
C HIS A 680 -6.80 28.21 23.63
N CYS A 681 -7.32 27.14 23.01
CA CYS A 681 -8.45 27.24 22.10
C CYS A 681 -9.74 27.48 22.85
N ARG A 682 -10.56 28.42 22.34
CA ARG A 682 -11.87 28.78 22.88
C ARG A 682 -12.83 27.63 22.61
N LYS A 683 -13.81 27.44 23.50
CA LYS A 683 -14.84 26.41 23.38
C LYS A 683 -15.58 26.60 22.07
N ASN A 684 -15.84 25.47 21.38
CA ASN A 684 -16.55 25.43 20.10
C ASN A 684 -15.91 26.22 18.94
N SER A 685 -14.58 26.45 19.04
CA SER A 685 -13.77 27.03 17.96
C SER A 685 -13.60 25.85 17.03
N TYR A 686 -13.37 26.08 15.74
CA TYR A 686 -13.31 24.98 14.79
C TYR A 686 -12.44 23.79 15.22
N MET A 687 -11.30 24.09 15.85
CA MET A 687 -10.33 23.09 16.32
C MET A 687 -10.71 22.48 17.68
N ASN A 688 -11.70 23.08 18.33
CA ASN A 688 -12.14 22.67 19.65
C ASN A 688 -13.66 22.36 19.76
N PRO A 689 -14.21 21.36 19.02
CA PRO A 689 -15.62 21.01 19.24
C PRO A 689 -15.82 20.40 20.62
N GLU A 690 -17.03 20.57 21.19
CA GLU A 690 -17.43 20.06 22.51
C GLU A 690 -17.34 18.54 22.55
N LYS A 691 -17.89 17.87 21.50
CA LYS A 691 -17.88 16.40 21.37
C LYS A 691 -16.53 15.95 20.82
N LYS A 692 -15.82 15.16 21.63
CA LYS A 692 -14.51 14.64 21.29
C LYS A 692 -14.55 13.12 21.26
N CYS A 693 -14.17 12.55 20.11
CA CYS A 693 -14.11 11.11 19.87
C CYS A 693 -12.90 10.55 20.57
N ARG A 694 -13.02 9.33 21.07
CA ARG A 694 -11.94 8.60 21.70
C ARG A 694 -12.24 7.13 21.81
N VAL A 695 -11.30 6.35 21.32
CA VAL A 695 -11.27 4.91 21.49
C VAL A 695 -10.00 4.60 22.33
N TRP A 696 -8.79 4.69 21.73
CA TRP A 696 -7.53 4.44 22.44
C TRP A 696 -6.85 5.70 23.01
ZN ZN B . -1.95 3.16 9.45
C HA0 C . 1.15 6.41 6.67
N HA0 C . 1.98 6.53 5.60
O HA0 C . -0.01 6.81 6.76
C1 HA0 C . 0.38 6.55 3.78
O1 HA0 C . -0.69 7.32 4.05
N3 HA0 C . 2.16 9.31 1.97
C4 HA0 C . 1.09 5.87 9.15
C5 HA0 C . 3.24 6.41 8.16
O6 HA0 C . 1.20 10.79 3.37
CA HA0 C . 0.97 3.41 6.74
CB HA0 C . 1.82 10.59 1.25
CD HA0 C . 0.71 0.46 4.21
CG HA0 C . 0.28 1.57 5.17
CH HA0 C . 1.80 8.69 4.49
C11 HA0 C . 1.72 7.15 4.30
C17 HA0 C . 0.64 13.52 0.75
C20 HA0 C . 0.08 14.83 0.69
C21 HA0 C . -0.50 15.42 1.87
CA1 HA0 C . 1.88 5.69 7.81
CB1 HA0 C . 1.42 2.24 5.91
CB2 HA0 C . 0.19 2.90 7.92
CD2 HA0 C . 0.66 12.82 2.01
CE3 HA0 C . 0.09 13.47 3.17
CG1 HA0 C . 1.66 7.10 9.92
OG1 HA0 C . 0.54 2.45 9.01
CG2 HA0 C . 2.83 7.60 9.06
OG2 HA0 C . -1.02 3.16 7.62
CG3 HA0 C . 1.23 11.43 2.16
CH2 HA0 C . 2.15 4.22 7.35
OXT HA0 C . 0.31 5.45 3.27
CZ1 HA0 C . 1.75 9.57 3.22
CZ3 HA0 C . -0.49 14.77 3.10
#